data_3CKY
#
_entry.id   3CKY
#
_cell.length_a   82.978
_cell.length_b   175.779
_cell.length_c   83.709
_cell.angle_alpha   90.000
_cell.angle_beta   90.000
_cell.angle_gamma   90.000
#
_symmetry.space_group_name_H-M   'P 21 21 21'
#
loop_
_entity.id
_entity.type
_entity.pdbx_description
1 polymer '2-hydroxymethyl glutarate dehydrogenase'
2 water water
#
_entity_poly.entity_id   1
_entity_poly.type   'polypeptide(L)'
_entity_poly.pdbx_seq_one_letter_code
;MEKSIKIGFIGLGAMGKPMAINLLKEGVTVYAFDLMEANVAAVVAQGAQACENNQKVAAASDIIFTSLPNAGIVETVMNG
PGGVLSACKAGTVIVDMSSVSPSSTLKMAKVAAEKGIDYVDAPVSGGTKGAEAGTLTIMVGASEAVFEKIQPVLSVIGKD
IYHVGDTGAGDAVKIVNNLLLGCNMASLAEALVLGVKCGLKPETMQEIIGKSSGRSYAMEAKMEKFIMSGDFAGGFAMDL
QHKDLGLALEAGKEGNVPLPMTAMATQIFEGGRAMGLGREDMSAVIKVWEQMTGVSVSGGQ
;
_entity_poly.pdbx_strand_id   A,B,C,D
#
# COMPACT_ATOMS: atom_id res chain seq x y z
N SER A 4 -51.91 -14.95 -1.32
CA SER A 4 -51.25 -15.90 -2.27
C SER A 4 -50.08 -15.23 -2.98
N ILE A 5 -49.18 -14.64 -2.21
CA ILE A 5 -47.98 -14.05 -2.76
C ILE A 5 -47.19 -15.17 -3.46
N LYS A 6 -46.59 -14.83 -4.60
CA LYS A 6 -45.86 -15.81 -5.40
C LYS A 6 -44.37 -15.53 -5.34
N ILE A 7 -43.62 -16.48 -4.80
CA ILE A 7 -42.17 -16.36 -4.66
C ILE A 7 -41.45 -17.20 -5.71
N GLY A 8 -40.38 -16.64 -6.27
CA GLY A 8 -39.55 -17.31 -7.25
C GLY A 8 -38.10 -17.38 -6.82
N PHE A 9 -37.42 -18.45 -7.24
CA PHE A 9 -36.00 -18.65 -6.95
C PHE A 9 -35.23 -18.93 -8.23
N ILE A 10 -34.41 -17.96 -8.63
CA ILE A 10 -33.47 -18.14 -9.74
C ILE A 10 -32.17 -18.71 -9.15
N GLY A 11 -32.09 -20.04 -9.14
CA GLY A 11 -31.02 -20.76 -8.45
C GLY A 11 -31.44 -21.21 -7.06
N LEU A 12 -30.95 -22.39 -6.67
CA LEU A 12 -31.26 -23.00 -5.37
C LEU A 12 -29.99 -23.59 -4.78
N GLY A 13 -29.10 -22.72 -4.29
CA GLY A 13 -27.84 -23.17 -3.73
C GLY A 13 -27.99 -23.66 -2.30
N ALA A 14 -26.90 -23.57 -1.55
CA ALA A 14 -26.88 -23.97 -0.14
C ALA A 14 -27.81 -23.07 0.68
N MET A 15 -27.94 -21.81 0.25
CA MET A 15 -28.83 -20.84 0.90
C MET A 15 -30.23 -20.91 0.33
N GLY A 16 -30.35 -20.91 -1.00
CA GLY A 16 -31.65 -20.87 -1.68
C GLY A 16 -32.59 -21.99 -1.27
N LYS A 17 -32.04 -23.20 -1.17
CA LYS A 17 -32.84 -24.39 -0.87
C LYS A 17 -33.58 -24.27 0.47
N PRO A 18 -32.85 -24.09 1.60
CA PRO A 18 -33.55 -23.95 2.89
C PRO A 18 -34.50 -22.76 2.99
N MET A 19 -34.17 -21.65 2.31
CA MET A 19 -35.04 -20.47 2.27
C MET A 19 -36.37 -20.83 1.62
N ALA A 20 -36.30 -21.51 0.48
CA ALA A 20 -37.51 -21.95 -0.23
C ALA A 20 -38.36 -22.87 0.63
N ILE A 21 -37.71 -23.80 1.33
CA ILE A 21 -38.38 -24.75 2.22
C ILE A 21 -39.09 -24.05 3.37
N ASN A 22 -38.43 -23.08 3.99
CA ASN A 22 -39.05 -22.29 5.07
C ASN A 22 -40.28 -21.53 4.58
N LEU A 23 -40.20 -21.00 3.36
CA LEU A 23 -41.34 -20.35 2.73
C LEU A 23 -42.47 -21.35 2.45
N LEU A 24 -42.10 -22.55 2.00
CA LEU A 24 -43.08 -23.60 1.72
C LEU A 24 -43.79 -24.06 2.99
N LYS A 25 -43.06 -24.10 4.11
CA LYS A 25 -43.67 -24.47 5.38
C LYS A 25 -44.65 -23.43 5.92
N GLU A 26 -44.60 -22.20 5.41
CA GLU A 26 -45.60 -21.18 5.72
C GLU A 26 -46.75 -21.19 4.70
N GLY A 27 -46.74 -22.16 3.80
CA GLY A 27 -47.77 -22.28 2.79
C GLY A 27 -47.71 -21.22 1.71
N VAL A 28 -46.54 -20.60 1.52
CA VAL A 28 -46.38 -19.61 0.46
C VAL A 28 -46.04 -20.36 -0.83
N THR A 29 -46.63 -19.91 -1.94
CA THR A 29 -46.37 -20.52 -3.25
C THR A 29 -44.98 -20.17 -3.74
N VAL A 30 -44.17 -21.20 -4.01
CA VAL A 30 -42.78 -21.04 -4.42
C VAL A 30 -42.50 -21.70 -5.78
N TYR A 31 -42.13 -20.89 -6.76
CA TYR A 31 -41.64 -21.38 -8.05
C TYR A 31 -40.11 -21.44 -8.01
N ALA A 32 -39.51 -22.35 -8.77
CA ALA A 32 -38.06 -22.55 -8.69
C ALA A 32 -37.43 -23.18 -9.94
N PHE A 33 -36.23 -22.70 -10.29
CA PHE A 33 -35.37 -23.32 -11.28
C PHE A 33 -33.90 -23.27 -10.85
N ASP A 34 -33.16 -24.30 -11.26
CA ASP A 34 -31.72 -24.40 -11.04
C ASP A 34 -31.13 -25.25 -12.15
N LEU A 35 -29.88 -25.00 -12.50
CA LEU A 35 -29.16 -25.84 -13.46
C LEU A 35 -29.14 -27.29 -13.00
N MET A 36 -28.77 -27.49 -11.74
CA MET A 36 -28.75 -28.83 -11.13
C MET A 36 -30.16 -29.31 -10.78
N GLU A 37 -30.53 -30.45 -11.35
CA GLU A 37 -31.91 -30.96 -11.28
C GLU A 37 -32.32 -31.42 -9.89
N ALA A 38 -31.41 -32.10 -9.20
CA ALA A 38 -31.66 -32.63 -7.85
C ALA A 38 -32.08 -31.55 -6.85
N ASN A 39 -31.61 -30.32 -7.05
CA ASN A 39 -31.97 -29.20 -6.19
C ASN A 39 -33.44 -28.84 -6.34
N VAL A 40 -33.92 -28.82 -7.59
CA VAL A 40 -35.33 -28.55 -7.86
C VAL A 40 -36.19 -29.66 -7.24
N ALA A 41 -35.78 -30.91 -7.41
CA ALA A 41 -36.51 -32.05 -6.84
C ALA A 41 -36.60 -31.97 -5.32
N ALA A 42 -35.51 -31.56 -4.68
CA ALA A 42 -35.47 -31.40 -3.23
C ALA A 42 -36.60 -30.50 -2.72
N VAL A 43 -36.78 -29.34 -3.36
CA VAL A 43 -37.82 -28.40 -2.94
C VAL A 43 -39.22 -28.76 -3.45
N VAL A 44 -39.29 -29.39 -4.63
CA VAL A 44 -40.61 -29.80 -5.17
C VAL A 44 -41.25 -30.84 -4.27
N ALA A 45 -40.42 -31.61 -3.56
CA ALA A 45 -40.90 -32.58 -2.56
C ALA A 45 -41.56 -31.88 -1.37
N GLN A 46 -41.07 -30.68 -1.04
CA GLN A 46 -41.66 -29.86 0.03
C GLN A 46 -42.79 -28.95 -0.46
N GLY A 47 -43.12 -29.02 -1.75
CA GLY A 47 -44.28 -28.30 -2.30
C GLY A 47 -43.97 -27.22 -3.32
N ALA A 48 -42.70 -27.10 -3.72
CA ALA A 48 -42.31 -26.11 -4.72
C ALA A 48 -42.83 -26.51 -6.10
N GLN A 49 -43.11 -25.50 -6.93
CA GLN A 49 -43.49 -25.73 -8.31
C GLN A 49 -42.30 -25.52 -9.24
N ALA A 50 -41.83 -26.60 -9.86
CA ALA A 50 -40.65 -26.54 -10.74
C ALA A 50 -40.95 -25.77 -12.02
N CYS A 51 -39.93 -25.09 -12.53
CA CYS A 51 -40.02 -24.34 -13.79
C CYS A 51 -38.92 -24.78 -14.75
N GLU A 52 -39.14 -24.53 -16.03
CA GLU A 52 -38.24 -24.97 -17.10
C GLU A 52 -36.96 -24.15 -17.17
N ASN A 53 -37.05 -22.88 -16.77
CA ASN A 53 -35.94 -21.95 -16.89
C ASN A 53 -36.17 -20.69 -16.05
N ASN A 54 -35.20 -19.78 -16.06
CA ASN A 54 -35.29 -18.51 -15.30
C ASN A 54 -36.47 -17.64 -15.70
N GLN A 55 -36.70 -17.50 -17.00
CA GLN A 55 -37.82 -16.71 -17.51
C GLN A 55 -39.16 -17.22 -17.00
N LYS A 56 -39.34 -18.54 -17.01
CA LYS A 56 -40.55 -19.18 -16.49
C LYS A 56 -40.81 -18.78 -15.04
N VAL A 57 -39.77 -18.86 -14.21
CA VAL A 57 -39.89 -18.43 -12.81
C VAL A 57 -40.26 -16.95 -12.76
N ALA A 58 -39.57 -16.14 -13.56
CA ALA A 58 -39.79 -14.69 -13.59
C ALA A 58 -41.25 -14.32 -13.89
N ALA A 59 -41.82 -14.93 -14.92
CA ALA A 59 -43.18 -14.63 -15.35
C ALA A 59 -44.24 -14.98 -14.29
N ALA A 60 -43.99 -16.05 -13.53
CA ALA A 60 -44.96 -16.53 -12.54
C ALA A 60 -44.88 -15.82 -11.18
N SER A 61 -43.73 -15.22 -10.87
CA SER A 61 -43.44 -14.75 -9.51
C SER A 61 -43.67 -13.25 -9.28
N ASP A 62 -43.97 -12.91 -8.03
CA ASP A 62 -44.10 -11.52 -7.59
C ASP A 62 -42.81 -11.04 -6.94
N ILE A 63 -42.20 -11.93 -6.15
CA ILE A 63 -40.93 -11.65 -5.51
C ILE A 63 -39.95 -12.76 -5.90
N ILE A 64 -38.82 -12.37 -6.47
CA ILE A 64 -37.84 -13.32 -6.97
C ILE A 64 -36.53 -13.16 -6.19
N PHE A 65 -36.02 -14.28 -5.70
CA PHE A 65 -34.77 -14.31 -4.99
C PHE A 65 -33.67 -14.86 -5.88
N THR A 66 -32.51 -14.24 -5.81
CA THR A 66 -31.33 -14.74 -6.49
C THR A 66 -30.08 -14.41 -5.69
N SER A 67 -29.07 -15.25 -5.85
CA SER A 67 -27.75 -15.01 -5.31
C SER A 67 -26.72 -15.58 -6.30
N LEU A 68 -26.09 -14.69 -7.06
CA LEU A 68 -25.18 -15.08 -8.13
C LEU A 68 -23.73 -14.74 -7.74
N PRO A 69 -22.74 -15.35 -8.43
CA PRO A 69 -21.33 -15.21 -7.99
C PRO A 69 -20.69 -13.83 -8.15
N ASN A 70 -21.10 -13.05 -9.15
CA ASN A 70 -20.55 -11.71 -9.36
C ASN A 70 -21.44 -10.82 -10.22
N ALA A 71 -21.04 -9.54 -10.35
CA ALA A 71 -21.85 -8.55 -11.06
C ALA A 71 -22.00 -8.87 -12.55
N GLY A 72 -20.99 -9.49 -13.12
CA GLY A 72 -21.03 -9.90 -14.52
C GLY A 72 -22.11 -10.93 -14.79
N ILE A 73 -22.25 -11.89 -13.88
CA ILE A 73 -23.25 -12.95 -14.02
C ILE A 73 -24.64 -12.41 -13.72
N VAL A 74 -24.74 -11.48 -12.77
CA VAL A 74 -25.99 -10.77 -12.50
C VAL A 74 -26.50 -10.10 -13.79
N GLU A 75 -25.65 -9.33 -14.47
CA GLU A 75 -26.05 -8.64 -15.70
C GLU A 75 -26.49 -9.63 -16.78
N THR A 76 -25.73 -10.72 -16.90
CA THR A 76 -26.06 -11.74 -17.88
C THR A 76 -27.43 -12.36 -17.58
N VAL A 77 -27.63 -12.76 -16.34
CA VAL A 77 -28.89 -13.38 -15.93
C VAL A 77 -30.07 -12.42 -16.04
N MET A 78 -29.88 -11.18 -15.56
CA MET A 78 -30.98 -10.22 -15.46
C MET A 78 -31.24 -9.52 -16.77
N ASN A 79 -30.18 -8.94 -17.33
CA ASN A 79 -30.29 -8.02 -18.45
C ASN A 79 -29.87 -8.65 -19.77
N GLY A 80 -29.15 -9.77 -19.72
CA GLY A 80 -28.63 -10.40 -20.93
C GLY A 80 -29.75 -10.95 -21.79
N PRO A 81 -29.43 -11.35 -23.03
CA PRO A 81 -30.40 -11.85 -24.01
C PRO A 81 -31.41 -12.81 -23.36
N GLY A 82 -32.71 -12.55 -23.59
CA GLY A 82 -33.79 -13.30 -22.94
C GLY A 82 -33.68 -13.31 -21.42
N GLY A 83 -33.35 -12.15 -20.85
CA GLY A 83 -33.06 -12.05 -19.42
C GLY A 83 -34.27 -12.16 -18.52
N VAL A 84 -34.00 -12.22 -17.22
CA VAL A 84 -35.05 -12.27 -16.19
C VAL A 84 -35.92 -11.01 -16.22
N LEU A 85 -35.28 -9.85 -16.35
CA LEU A 85 -35.99 -8.57 -16.38
C LEU A 85 -37.06 -8.50 -17.46
N SER A 86 -36.73 -8.96 -18.67
CA SER A 86 -37.68 -8.92 -19.79
C SER A 86 -38.91 -9.81 -19.55
N ALA A 87 -38.76 -10.84 -18.71
CA ALA A 87 -39.83 -11.81 -18.45
C ALA A 87 -40.66 -11.48 -17.19
N CYS A 88 -40.25 -10.48 -16.43
CA CYS A 88 -41.00 -10.05 -15.24
C CYS A 88 -42.17 -9.16 -15.62
N LYS A 89 -43.29 -9.36 -14.93
CA LYS A 89 -44.41 -8.42 -14.99
C LYS A 89 -44.02 -7.19 -14.18
N ALA A 90 -44.58 -6.04 -14.55
CA ALA A 90 -44.36 -4.81 -13.81
C ALA A 90 -44.88 -4.94 -12.38
N GLY A 91 -44.19 -4.32 -11.43
CA GLY A 91 -44.52 -4.42 -10.02
C GLY A 91 -43.86 -5.60 -9.31
N THR A 92 -43.16 -6.43 -10.09
CA THR A 92 -42.41 -7.55 -9.53
C THR A 92 -41.20 -6.98 -8.82
N VAL A 93 -40.82 -7.61 -7.71
CA VAL A 93 -39.63 -7.21 -6.96
C VAL A 93 -38.56 -8.29 -7.10
N ILE A 94 -37.35 -7.89 -7.48
CA ILE A 94 -36.19 -8.76 -7.50
C ILE A 94 -35.38 -8.52 -6.24
N VAL A 95 -35.07 -9.59 -5.51
CA VAL A 95 -34.26 -9.49 -4.30
C VAL A 95 -32.92 -10.16 -4.56
N ASP A 96 -31.91 -9.33 -4.83
CA ASP A 96 -30.58 -9.79 -5.18
C ASP A 96 -29.70 -9.92 -3.93
N MET A 97 -29.36 -11.14 -3.59
CA MET A 97 -28.55 -11.41 -2.40
C MET A 97 -27.10 -11.66 -2.78
N SER A 98 -26.78 -11.41 -4.06
CA SER A 98 -25.43 -11.57 -4.57
C SER A 98 -24.44 -10.66 -3.87
N SER A 99 -23.22 -11.18 -3.72
CA SER A 99 -22.15 -10.41 -3.16
C SER A 99 -21.52 -9.48 -4.23
N VAL A 100 -22.06 -8.27 -4.33
CA VAL A 100 -21.67 -7.33 -5.36
C VAL A 100 -21.55 -5.89 -4.82
N SER A 101 -20.93 -5.02 -5.60
CA SER A 101 -20.80 -3.61 -5.22
C SER A 101 -22.17 -2.91 -5.31
N PRO A 102 -22.37 -1.89 -4.46
CA PRO A 102 -23.57 -1.07 -4.55
C PRO A 102 -23.85 -0.57 -5.97
N SER A 103 -22.80 -0.12 -6.67
CA SER A 103 -22.94 0.42 -8.03
C SER A 103 -23.51 -0.62 -8.99
N SER A 104 -23.03 -1.85 -8.88
CA SER A 104 -23.59 -3.00 -9.62
C SER A 104 -25.10 -3.06 -9.48
N THR A 105 -25.57 -2.96 -8.24
CA THR A 105 -27.00 -3.02 -7.94
C THR A 105 -27.74 -1.77 -8.42
N LEU A 106 -27.13 -0.59 -8.29
CA LEU A 106 -27.75 0.65 -8.74
C LEU A 106 -27.98 0.64 -10.27
N LYS A 107 -26.99 0.18 -11.02
CA LYS A 107 -27.11 0.04 -12.48
C LYS A 107 -28.32 -0.82 -12.81
N MET A 108 -28.39 -1.99 -12.17
CA MET A 108 -29.43 -2.96 -12.46
C MET A 108 -30.80 -2.44 -12.05
N ALA A 109 -30.87 -1.72 -10.93
CA ALA A 109 -32.12 -1.13 -10.48
C ALA A 109 -32.65 -0.10 -11.47
N LYS A 110 -31.75 0.62 -12.13
CA LYS A 110 -32.15 1.61 -13.15
C LYS A 110 -32.75 0.95 -14.38
N VAL A 111 -32.13 -0.14 -14.86
CA VAL A 111 -32.70 -0.87 -15.99
C VAL A 111 -34.02 -1.54 -15.60
N ALA A 112 -34.08 -2.05 -14.38
CA ALA A 112 -35.30 -2.66 -13.85
C ALA A 112 -36.43 -1.62 -13.74
N ALA A 113 -36.11 -0.45 -13.20
CA ALA A 113 -37.10 0.62 -12.98
C ALA A 113 -37.83 1.06 -14.25
N GLU A 114 -37.13 1.13 -15.38
CA GLU A 114 -37.79 1.51 -16.63
C GLU A 114 -38.81 0.45 -17.11
N LYS A 115 -38.66 -0.78 -16.63
CA LYS A 115 -39.62 -1.86 -16.90
C LYS A 115 -40.66 -1.99 -15.78
N GLY A 116 -40.66 -1.05 -14.84
CA GLY A 116 -41.57 -1.09 -13.71
C GLY A 116 -41.24 -2.17 -12.69
N ILE A 117 -40.01 -2.65 -12.71
CA ILE A 117 -39.57 -3.71 -11.80
C ILE A 117 -38.74 -3.11 -10.68
N ASP A 118 -39.05 -3.50 -9.44
CA ASP A 118 -38.27 -3.05 -8.29
C ASP A 118 -37.09 -4.00 -8.07
N TYR A 119 -35.90 -3.44 -7.92
CA TYR A 119 -34.68 -4.22 -7.75
C TYR A 119 -34.01 -3.87 -6.42
N VAL A 120 -33.89 -4.84 -5.53
CA VAL A 120 -33.39 -4.56 -4.18
C VAL A 120 -32.21 -5.46 -3.82
N ASP A 121 -31.18 -4.85 -3.25
CA ASP A 121 -30.05 -5.61 -2.72
C ASP A 121 -30.43 -6.04 -1.31
N ALA A 122 -30.32 -7.34 -1.06
CA ALA A 122 -30.63 -7.90 0.27
C ALA A 122 -29.63 -8.99 0.64
N PRO A 123 -28.35 -8.64 0.69
CA PRO A 123 -27.37 -9.64 1.12
C PRO A 123 -27.64 -10.10 2.56
N VAL A 124 -27.24 -11.34 2.85
CA VAL A 124 -27.56 -11.96 4.12
C VAL A 124 -26.29 -12.40 4.84
N SER A 125 -26.40 -12.58 6.16
CA SER A 125 -25.38 -13.26 6.93
C SER A 125 -26.03 -14.30 7.85
N GLY A 126 -25.23 -15.28 8.29
CA GLY A 126 -25.71 -16.39 9.12
C GLY A 126 -25.39 -17.76 8.55
N GLY A 127 -25.04 -17.82 7.27
CA GLY A 127 -24.62 -19.06 6.63
C GLY A 127 -25.78 -20.00 6.38
N THR A 128 -25.44 -21.24 6.04
CA THR A 128 -26.41 -22.27 5.71
C THR A 128 -27.20 -22.72 6.93
N LYS A 129 -26.55 -22.75 8.09
CA LYS A 129 -27.23 -23.08 9.34
C LYS A 129 -28.30 -22.04 9.69
N GLY A 130 -27.98 -20.75 9.50
CA GLY A 130 -28.95 -19.68 9.65
C GLY A 130 -30.05 -19.73 8.60
N ALA A 131 -29.70 -20.18 7.41
CA ALA A 131 -30.66 -20.33 6.32
C ALA A 131 -31.69 -21.41 6.66
N GLU A 132 -31.19 -22.53 7.17
CA GLU A 132 -32.04 -23.65 7.58
C GLU A 132 -32.97 -23.26 8.73
N ALA A 133 -32.42 -22.61 9.76
CA ALA A 133 -33.19 -22.20 10.93
C ALA A 133 -34.09 -20.99 10.67
N GLY A 134 -33.94 -20.32 9.53
CA GLY A 134 -34.69 -19.12 9.23
C GLY A 134 -34.30 -17.93 10.10
N THR A 135 -33.04 -17.90 10.51
CA THR A 135 -32.53 -16.88 11.43
C THR A 135 -31.51 -15.94 10.80
N LEU A 136 -31.43 -15.96 9.47
CA LEU A 136 -30.51 -15.10 8.73
C LEU A 136 -30.69 -13.63 9.07
N THR A 137 -29.58 -12.90 9.13
CA THR A 137 -29.63 -11.44 9.18
C THR A 137 -29.64 -10.94 7.76
N ILE A 138 -30.61 -10.10 7.44
CA ILE A 138 -30.81 -9.63 6.07
C ILE A 138 -30.71 -8.11 6.04
N MET A 139 -29.79 -7.59 5.22
CA MET A 139 -29.52 -6.17 5.14
C MET A 139 -30.07 -5.65 3.80
N VAL A 140 -31.07 -4.77 3.86
CA VAL A 140 -31.85 -4.40 2.68
C VAL A 140 -31.64 -2.94 2.26
N GLY A 141 -31.35 -2.77 0.97
CA GLY A 141 -31.28 -1.45 0.34
C GLY A 141 -32.48 -1.29 -0.57
N ALA A 142 -33.38 -0.38 -0.21
CA ALA A 142 -34.63 -0.19 -0.98
C ALA A 142 -35.34 1.06 -0.56
N SER A 143 -36.40 1.42 -1.29
CA SER A 143 -37.32 2.47 -0.87
C SER A 143 -38.11 1.96 0.35
N GLU A 144 -38.70 2.88 1.09
CA GLU A 144 -39.53 2.51 2.23
C GLU A 144 -40.71 1.65 1.79
N ALA A 145 -41.38 2.08 0.71
CA ALA A 145 -42.53 1.36 0.16
C ALA A 145 -42.19 -0.07 -0.22
N VAL A 146 -41.05 -0.25 -0.89
CA VAL A 146 -40.62 -1.57 -1.36
C VAL A 146 -40.17 -2.46 -0.19
N PHE A 147 -39.53 -1.88 0.82
CA PHE A 147 -39.15 -2.63 2.01
C PHE A 147 -40.37 -3.20 2.73
N GLU A 148 -41.38 -2.36 2.95
CA GLU A 148 -42.61 -2.80 3.60
C GLU A 148 -43.28 -3.91 2.79
N LYS A 149 -43.25 -3.76 1.47
CA LYS A 149 -43.79 -4.74 0.56
C LYS A 149 -43.16 -6.12 0.80
N ILE A 150 -41.83 -6.19 0.84
CA ILE A 150 -41.14 -7.48 0.90
C ILE A 150 -40.84 -7.97 2.32
N GLN A 151 -40.92 -7.08 3.30
CA GLN A 151 -40.54 -7.39 4.70
C GLN A 151 -41.19 -8.67 5.29
N PRO A 152 -42.51 -8.84 5.12
CA PRO A 152 -43.16 -10.07 5.64
C PRO A 152 -42.58 -11.38 5.08
N VAL A 153 -42.23 -11.40 3.81
CA VAL A 153 -41.58 -12.56 3.19
C VAL A 153 -40.16 -12.73 3.73
N LEU A 154 -39.41 -11.63 3.79
CA LEU A 154 -38.07 -11.62 4.40
C LEU A 154 -38.11 -12.16 5.83
N SER A 155 -39.17 -11.84 6.57
CA SER A 155 -39.30 -12.23 7.97
C SER A 155 -39.52 -13.73 8.18
N VAL A 156 -39.92 -14.45 7.14
CA VAL A 156 -40.00 -15.92 7.22
C VAL A 156 -38.62 -16.55 7.09
N ILE A 157 -37.82 -16.07 6.14
CA ILE A 157 -36.51 -16.66 5.87
C ILE A 157 -35.37 -16.13 6.77
N GLY A 158 -35.58 -14.96 7.37
CA GLY A 158 -34.58 -14.36 8.27
C GLY A 158 -35.18 -13.94 9.59
N LYS A 159 -34.32 -13.58 10.54
CA LYS A 159 -34.76 -13.08 11.84
C LYS A 159 -34.56 -11.56 11.91
N ASP A 160 -33.32 -11.10 11.96
CA ASP A 160 -33.03 -9.66 12.00
C ASP A 160 -33.01 -9.09 10.58
N ILE A 161 -34.11 -8.42 10.22
CA ILE A 161 -34.26 -7.82 8.90
C ILE A 161 -34.03 -6.32 9.01
N TYR A 162 -32.93 -5.85 8.43
CA TYR A 162 -32.56 -4.44 8.52
C TYR A 162 -32.87 -3.70 7.21
N HIS A 163 -33.59 -2.58 7.34
CA HIS A 163 -33.73 -1.63 6.27
C HIS A 163 -32.59 -0.62 6.45
N VAL A 164 -31.46 -0.89 5.78
CA VAL A 164 -30.22 -0.18 6.05
C VAL A 164 -30.09 1.12 5.28
N GLY A 165 -30.92 1.28 4.26
CA GLY A 165 -30.89 2.50 3.46
C GLY A 165 -31.53 2.25 2.13
N ASP A 166 -31.26 3.13 1.17
CA ASP A 166 -31.81 2.96 -0.17
C ASP A 166 -30.95 1.97 -0.98
N THR A 167 -31.29 1.80 -2.25
CA THR A 167 -30.63 0.84 -3.12
C THR A 167 -29.10 0.88 -3.00
N GLY A 168 -28.51 -0.30 -2.84
CA GLY A 168 -27.07 -0.42 -2.70
C GLY A 168 -26.55 -0.42 -1.25
N ALA A 169 -27.39 -0.07 -0.24
CA ALA A 169 -26.96 0.03 1.18
C ALA A 169 -26.76 -1.32 1.88
N GLY A 170 -27.60 -2.31 1.54
CA GLY A 170 -27.42 -3.68 2.02
C GLY A 170 -26.07 -4.24 1.56
N ASP A 171 -25.81 -4.12 0.25
CA ASP A 171 -24.51 -4.47 -0.31
C ASP A 171 -23.37 -3.74 0.39
N ALA A 172 -23.58 -2.45 0.62
CA ALA A 172 -22.62 -1.59 1.25
C ALA A 172 -22.19 -2.03 2.65
N VAL A 173 -23.17 -2.37 3.49
CA VAL A 173 -22.90 -2.61 4.91
C VAL A 173 -22.17 -3.94 5.06
N LYS A 174 -22.58 -4.91 4.25
CA LYS A 174 -21.90 -6.19 4.15
C LYS A 174 -20.44 -5.99 3.76
N ILE A 175 -20.21 -5.26 2.68
CA ILE A 175 -18.87 -4.96 2.21
C ILE A 175 -18.00 -4.31 3.29
N VAL A 176 -18.59 -3.35 4.04
CA VAL A 176 -17.87 -2.64 5.10
C VAL A 176 -17.55 -3.56 6.27
N ASN A 177 -18.48 -4.44 6.63
CA ASN A 177 -18.22 -5.40 7.68
C ASN A 177 -17.09 -6.35 7.33
N ASN A 178 -17.15 -6.94 6.13
CA ASN A 178 -16.19 -7.96 5.69
C ASN A 178 -14.79 -7.44 5.39
N LEU A 179 -14.73 -6.18 4.97
CA LEU A 179 -13.49 -5.39 4.86
C LEU A 179 -12.80 -5.32 6.21
N LEU A 180 -13.55 -5.03 7.26
CA LEU A 180 -12.99 -4.89 8.59
C LEU A 180 -12.51 -6.23 9.12
N LEU A 181 -13.30 -7.29 8.90
CA LEU A 181 -12.86 -8.66 9.22
C LEU A 181 -11.52 -8.98 8.57
N GLY A 182 -11.41 -8.73 7.27
CA GLY A 182 -10.18 -8.97 6.52
C GLY A 182 -8.99 -8.17 7.00
N CYS A 183 -9.19 -6.88 7.21
CA CYS A 183 -8.14 -6.02 7.73
C CYS A 183 -7.67 -6.46 9.11
N ASN A 184 -8.63 -6.77 9.98
CA ASN A 184 -8.33 -7.11 11.37
C ASN A 184 -7.53 -8.39 11.41
N MET A 185 -7.85 -9.33 10.52
CA MET A 185 -7.12 -10.59 10.43
C MET A 185 -5.71 -10.38 9.89
N ALA A 186 -5.59 -9.63 8.81
CA ALA A 186 -4.27 -9.31 8.26
C ALA A 186 -3.36 -8.66 9.35
N SER A 187 -3.91 -7.73 10.12
CA SER A 187 -3.17 -7.09 11.19
C SER A 187 -2.77 -8.10 12.28
N LEU A 188 -3.71 -8.95 12.64
CA LEU A 188 -3.48 -10.00 13.63
C LEU A 188 -2.33 -10.94 13.21
N ALA A 189 -2.33 -11.31 11.94
CA ALA A 189 -1.32 -12.23 11.40
C ALA A 189 0.12 -11.78 11.71
N GLU A 190 0.46 -10.55 11.29
CA GLU A 190 1.80 -10.02 11.51
C GLU A 190 2.09 -9.75 12.99
N ALA A 191 1.06 -9.32 13.73
CA ALA A 191 1.16 -9.07 15.17
C ALA A 191 1.56 -10.30 15.98
N LEU A 192 0.94 -11.43 15.65
CA LEU A 192 1.21 -12.68 16.36
C LEU A 192 2.61 -13.19 16.07
N VAL A 193 3.03 -13.08 14.83
CA VAL A 193 4.38 -13.45 14.44
C VAL A 193 5.43 -12.60 15.17
N LEU A 194 5.19 -11.29 15.24
CA LEU A 194 6.04 -10.37 15.99
C LEU A 194 6.18 -10.78 17.44
N GLY A 195 5.03 -11.06 18.07
CA GLY A 195 4.96 -11.45 19.48
C GLY A 195 5.76 -12.69 19.76
N VAL A 196 5.58 -13.71 18.93
CA VAL A 196 6.33 -14.95 19.07
C VAL A 196 7.82 -14.67 18.93
N LYS A 197 8.19 -13.94 17.89
CA LYS A 197 9.58 -13.57 17.70
C LYS A 197 10.19 -12.83 18.92
N CYS A 198 9.36 -12.03 19.60
CA CYS A 198 9.77 -11.38 20.84
C CYS A 198 9.61 -12.25 22.10
N GLY A 199 9.31 -13.54 21.93
CA GLY A 199 9.32 -14.51 23.04
C GLY A 199 8.01 -14.70 23.74
N LEU A 200 6.91 -14.28 23.14
CA LEU A 200 5.57 -14.51 23.69
C LEU A 200 5.02 -15.81 23.15
N LYS A 201 4.35 -16.53 24.02
CA LYS A 201 3.58 -17.70 23.64
C LYS A 201 2.26 -17.19 23.08
N PRO A 202 1.73 -17.87 22.05
CA PRO A 202 0.38 -17.55 21.55
C PRO A 202 -0.69 -17.51 22.64
N GLU A 203 -0.58 -18.41 23.61
CA GLU A 203 -1.52 -18.46 24.74
C GLU A 203 -1.47 -17.19 25.55
N THR A 204 -0.27 -16.69 25.79
CA THR A 204 -0.10 -15.45 26.53
C THR A 204 -0.76 -14.29 25.81
N MET A 205 -0.56 -14.24 24.50
CA MET A 205 -1.17 -13.21 23.67
C MET A 205 -2.68 -13.33 23.61
N GLN A 206 -3.19 -14.54 23.44
CA GLN A 206 -4.64 -14.72 23.44
C GLN A 206 -5.27 -14.27 24.74
N GLU A 207 -4.65 -14.70 25.84
CA GLU A 207 -5.15 -14.35 27.16
C GLU A 207 -5.17 -12.85 27.33
N ILE A 208 -4.04 -12.20 27.06
CA ILE A 208 -3.89 -10.79 27.40
C ILE A 208 -4.57 -9.87 26.39
N ILE A 209 -4.30 -10.05 25.11
CA ILE A 209 -4.90 -9.20 24.07
C ILE A 209 -6.41 -9.40 24.00
N GLY A 210 -6.87 -10.63 24.24
CA GLY A 210 -8.29 -10.94 24.32
C GLY A 210 -9.04 -10.16 25.36
N LYS A 211 -8.34 -9.71 26.41
CA LYS A 211 -8.96 -8.89 27.43
C LYS A 211 -8.48 -7.44 27.35
N SER A 212 -7.92 -7.05 26.21
CA SER A 212 -7.29 -5.75 26.07
C SER A 212 -7.81 -5.08 24.81
N SER A 213 -7.35 -3.84 24.58
CA SER A 213 -7.87 -2.95 23.56
C SER A 213 -7.55 -3.41 22.13
N GLY A 214 -6.62 -4.35 21.99
CA GLY A 214 -6.25 -4.89 20.69
C GLY A 214 -7.23 -5.92 20.16
N ARG A 215 -8.18 -6.37 20.99
CA ARG A 215 -9.06 -7.48 20.62
C ARG A 215 -10.01 -7.14 19.48
N SER A 216 -10.39 -8.18 18.76
CA SER A 216 -11.34 -8.08 17.68
C SER A 216 -12.07 -9.41 17.57
N TYR A 217 -13.20 -9.42 16.87
CA TYR A 217 -13.87 -10.67 16.58
C TYR A 217 -12.96 -11.60 15.76
N ALA A 218 -12.26 -11.04 14.78
CA ALA A 218 -11.24 -11.80 14.02
C ALA A 218 -10.35 -12.66 14.93
N MET A 219 -9.77 -12.04 15.95
CA MET A 219 -8.95 -12.77 16.88
C MET A 219 -9.77 -13.81 17.66
N GLU A 220 -10.94 -13.43 18.14
CA GLU A 220 -11.78 -14.35 18.93
C GLU A 220 -12.16 -15.58 18.12
N ALA A 221 -12.56 -15.36 16.88
CA ALA A 221 -13.02 -16.46 16.03
C ALA A 221 -11.89 -17.40 15.58
N LYS A 222 -10.71 -16.85 15.31
CA LYS A 222 -9.69 -17.60 14.60
C LYS A 222 -8.54 -18.14 15.47
N MET A 223 -8.18 -17.41 16.52
CA MET A 223 -6.96 -17.69 17.26
C MET A 223 -6.87 -19.12 17.80
N GLU A 224 -7.82 -19.49 18.60
CA GLU A 224 -7.81 -20.79 19.22
C GLU A 224 -8.19 -21.91 18.24
N LYS A 225 -9.26 -21.71 17.48
CA LYS A 225 -9.78 -22.77 16.63
C LYS A 225 -8.89 -23.14 15.43
N PHE A 226 -8.26 -22.13 14.82
CA PHE A 226 -7.49 -22.33 13.59
C PHE A 226 -5.99 -22.12 13.77
N ILE A 227 -5.61 -20.96 14.28
CA ILE A 227 -4.21 -20.57 14.35
C ILE A 227 -3.49 -21.47 15.36
N MET A 228 -3.96 -21.49 16.60
CA MET A 228 -3.25 -22.27 17.63
C MET A 228 -3.35 -23.78 17.42
N SER A 229 -4.44 -24.23 16.77
CA SER A 229 -4.61 -25.63 16.44
C SER A 229 -3.76 -26.02 15.24
N GLY A 230 -3.52 -25.06 14.35
CA GLY A 230 -2.85 -25.35 13.08
C GLY A 230 -3.73 -26.06 12.06
N ASP A 231 -5.01 -26.22 12.38
CA ASP A 231 -5.97 -26.82 11.47
C ASP A 231 -6.79 -25.71 10.80
N PHE A 232 -6.46 -25.45 9.53
CA PHE A 232 -7.07 -24.36 8.79
C PHE A 232 -8.12 -24.86 7.82
N ALA A 233 -8.56 -26.09 8.01
CA ALA A 233 -9.65 -26.65 7.23
C ALA A 233 -10.98 -26.03 7.66
N GLY A 234 -11.83 -25.79 6.66
CA GLY A 234 -13.13 -25.19 6.90
C GLY A 234 -13.01 -23.72 7.20
N GLY A 235 -13.92 -23.23 8.03
CA GLY A 235 -14.01 -21.81 8.36
C GLY A 235 -14.47 -21.01 7.16
N PHE A 236 -13.83 -19.86 6.96
CA PHE A 236 -14.20 -18.94 5.91
C PHE A 236 -13.02 -18.87 4.93
N ALA A 237 -13.22 -19.41 3.74
CA ALA A 237 -12.15 -19.59 2.76
C ALA A 237 -11.42 -18.30 2.47
N MET A 238 -10.09 -18.40 2.40
CA MET A 238 -9.24 -17.25 2.10
C MET A 238 -9.63 -16.59 0.76
N ASP A 239 -9.99 -17.42 -0.23
CA ASP A 239 -10.46 -16.91 -1.53
C ASP A 239 -11.66 -16.00 -1.35
N LEU A 240 -12.56 -16.35 -0.45
CA LEU A 240 -13.78 -15.59 -0.26
C LEU A 240 -13.54 -14.25 0.46
N GLN A 241 -12.71 -14.29 1.49
CA GLN A 241 -12.29 -13.07 2.18
C GLN A 241 -11.56 -12.11 1.23
N HIS A 242 -10.69 -12.66 0.38
CA HIS A 242 -10.01 -11.90 -0.66
C HIS A 242 -10.99 -11.27 -1.65
N LYS A 243 -11.97 -12.05 -2.10
CA LYS A 243 -13.03 -11.56 -2.98
C LYS A 243 -13.76 -10.37 -2.32
N ASP A 244 -14.06 -10.52 -1.03
CA ASP A 244 -14.75 -9.48 -0.27
C ASP A 244 -13.94 -8.20 -0.21
N LEU A 245 -12.63 -8.33 0.01
CA LEU A 245 -11.74 -7.16 0.02
C LEU A 245 -11.68 -6.49 -1.36
N GLY A 246 -11.74 -7.29 -2.41
CA GLY A 246 -11.84 -6.77 -3.78
C GLY A 246 -13.09 -5.96 -4.03
N LEU A 247 -14.22 -6.42 -3.49
CA LEU A 247 -15.48 -5.69 -3.61
C LEU A 247 -15.43 -4.35 -2.90
N ALA A 248 -14.77 -4.31 -1.75
CA ALA A 248 -14.52 -3.08 -1.03
C ALA A 248 -13.72 -2.09 -1.86
N LEU A 249 -12.65 -2.56 -2.49
CA LEU A 249 -11.82 -1.72 -3.35
C LEU A 249 -12.59 -1.22 -4.56
N GLU A 250 -13.46 -2.06 -5.10
CA GLU A 250 -14.34 -1.66 -6.20
C GLU A 250 -15.25 -0.53 -5.74
N ALA A 251 -15.84 -0.68 -4.55
CA ALA A 251 -16.67 0.40 -3.99
C ALA A 251 -15.86 1.67 -3.70
N GLY A 252 -14.64 1.52 -3.20
CA GLY A 252 -13.77 2.65 -2.99
C GLY A 252 -13.46 3.44 -4.25
N LYS A 253 -13.17 2.73 -5.34
CA LYS A 253 -12.88 3.32 -6.65
C LYS A 253 -14.11 4.06 -7.18
N GLU A 254 -15.27 3.40 -7.11
CA GLU A 254 -16.54 3.98 -7.59
C GLU A 254 -16.98 5.20 -6.77
N GLY A 255 -16.67 5.19 -5.47
CA GLY A 255 -17.02 6.31 -4.59
C GLY A 255 -15.89 7.31 -4.34
N ASN A 256 -14.74 7.12 -4.95
CA ASN A 256 -13.54 7.94 -4.70
C ASN A 256 -13.20 8.05 -3.23
N VAL A 257 -13.14 6.90 -2.57
CA VAL A 257 -12.75 6.82 -1.18
C VAL A 257 -11.49 5.97 -1.09
N PRO A 258 -10.33 6.58 -0.75
CA PRO A 258 -9.12 5.80 -0.55
C PRO A 258 -9.25 4.75 0.56
N LEU A 259 -8.67 3.58 0.34
CA LEU A 259 -8.78 2.43 1.24
C LEU A 259 -7.40 1.76 1.38
N PRO A 260 -6.42 2.50 1.92
CA PRO A 260 -5.05 1.99 2.01
C PRO A 260 -4.89 0.70 2.84
N MET A 261 -5.55 0.62 3.99
CA MET A 261 -5.46 -0.58 4.84
C MET A 261 -6.09 -1.77 4.14
N THR A 262 -7.23 -1.55 3.51
CA THR A 262 -7.92 -2.60 2.75
C THR A 262 -7.04 -3.10 1.63
N ALA A 263 -6.45 -2.15 0.89
CA ALA A 263 -5.60 -2.43 -0.24
C ALA A 263 -4.43 -3.32 0.20
N MET A 264 -3.81 -2.96 1.32
CA MET A 264 -2.66 -3.73 1.78
CA MET A 264 -2.68 -3.70 1.87
C MET A 264 -3.12 -5.11 2.27
N ALA A 265 -4.23 -5.18 2.99
CA ALA A 265 -4.79 -6.48 3.39
C ALA A 265 -5.02 -7.37 2.18
N THR A 266 -5.54 -6.78 1.10
CA THR A 266 -5.83 -7.54 -0.11
C THR A 266 -4.59 -8.21 -0.67
N GLN A 267 -3.49 -7.47 -0.69
CA GLN A 267 -2.23 -7.99 -1.24
C GLN A 267 -1.57 -9.05 -0.34
N ILE A 268 -1.74 -8.90 0.97
CA ILE A 268 -1.27 -9.90 1.91
C ILE A 268 -2.05 -11.21 1.73
N PHE A 269 -3.36 -11.14 1.61
CA PHE A 269 -4.16 -12.32 1.31
C PHE A 269 -3.86 -12.89 -0.08
N GLU A 270 -3.48 -12.05 -1.04
CA GLU A 270 -3.03 -12.55 -2.34
C GLU A 270 -1.76 -13.39 -2.20
N GLY A 271 -0.86 -12.97 -1.30
CA GLY A 271 0.30 -13.78 -0.96
C GLY A 271 -0.07 -15.19 -0.51
N GLY A 272 -1.07 -15.28 0.37
CA GLY A 272 -1.56 -16.57 0.84
C GLY A 272 -2.11 -17.40 -0.29
N ARG A 273 -2.85 -16.76 -1.19
CA ARG A 273 -3.36 -17.44 -2.37
C ARG A 273 -2.24 -17.89 -3.31
N ALA A 274 -1.21 -17.07 -3.45
CA ALA A 274 -0.01 -17.43 -4.21
C ALA A 274 0.66 -18.69 -3.65
N MET A 275 0.59 -18.87 -2.33
CA MET A 275 1.15 -20.03 -1.65
C MET A 275 0.20 -21.25 -1.63
N GLY A 276 -0.93 -21.17 -2.33
CA GLY A 276 -1.86 -22.29 -2.46
C GLY A 276 -2.81 -22.46 -1.30
N LEU A 277 -3.03 -21.40 -0.53
CA LEU A 277 -3.82 -21.44 0.69
C LEU A 277 -5.27 -20.97 0.51
N GLY A 278 -5.68 -20.72 -0.73
CA GLY A 278 -6.98 -20.14 -1.02
C GLY A 278 -8.21 -20.84 -0.45
N ARG A 279 -8.13 -22.16 -0.34
CA ARG A 279 -9.25 -22.99 0.15
C ARG A 279 -9.23 -23.21 1.66
N GLU A 280 -8.15 -22.84 2.32
CA GLU A 280 -8.07 -22.89 3.77
C GLU A 280 -8.76 -21.69 4.37
N ASP A 281 -9.12 -21.77 5.65
CA ASP A 281 -9.67 -20.64 6.36
C ASP A 281 -8.71 -19.47 6.18
N MET A 282 -9.28 -18.27 6.12
CA MET A 282 -8.51 -17.08 5.85
C MET A 282 -7.45 -16.76 6.89
N SER A 283 -7.54 -17.30 8.11
CA SER A 283 -6.53 -17.07 9.13
C SER A 283 -5.20 -17.76 8.79
N ALA A 284 -5.25 -18.72 7.86
CA ALA A 284 -4.04 -19.34 7.30
C ALA A 284 -3.13 -18.33 6.61
N VAL A 285 -3.60 -17.12 6.36
CA VAL A 285 -2.73 -16.05 5.82
C VAL A 285 -1.48 -15.81 6.70
N ILE A 286 -1.58 -16.11 8.01
CA ILE A 286 -0.44 -16.06 8.92
C ILE A 286 0.78 -16.89 8.39
N LYS A 287 0.50 -17.99 7.69
CA LYS A 287 1.53 -18.82 7.08
C LYS A 287 2.43 -18.06 6.09
N VAL A 288 1.90 -17.01 5.48
CA VAL A 288 2.73 -16.08 4.66
C VAL A 288 3.96 -15.58 5.44
N TRP A 289 3.76 -15.13 6.66
CA TRP A 289 4.84 -14.59 7.46
C TRP A 289 5.70 -15.66 8.11
N GLU A 290 5.07 -16.77 8.52
CA GLU A 290 5.78 -17.93 9.08
C GLU A 290 6.77 -18.49 8.07
N GLN A 291 6.34 -18.61 6.83
CA GLN A 291 7.19 -19.15 5.82
C GLN A 291 8.35 -18.20 5.54
N MET A 292 8.08 -16.90 5.53
CA MET A 292 9.11 -15.90 5.22
C MET A 292 10.13 -15.74 6.34
N THR A 293 9.70 -15.92 7.59
CA THR A 293 10.51 -15.58 8.77
C THR A 293 11.13 -16.78 9.50
N GLY A 294 10.54 -17.97 9.31
CA GLY A 294 10.85 -19.14 10.10
C GLY A 294 10.21 -19.10 11.46
N VAL A 295 9.38 -18.10 11.73
CA VAL A 295 8.71 -18.02 13.03
C VAL A 295 7.50 -18.96 13.01
N SER A 296 7.36 -19.73 14.09
CA SER A 296 6.23 -20.64 14.23
C SER A 296 5.23 -20.10 15.25
N VAL A 297 4.02 -19.85 14.77
CA VAL A 297 2.91 -19.43 15.60
C VAL A 297 1.85 -20.53 15.59
N SER A 298 1.40 -20.89 14.40
CA SER A 298 0.29 -21.82 14.26
C SER A 298 0.73 -23.19 14.74
N GLY A 299 -0.18 -23.92 15.39
CA GLY A 299 0.15 -25.22 15.96
C GLY A 299 0.10 -26.30 14.91
N GLY A 300 -0.10 -27.54 15.36
CA GLY A 300 -0.16 -28.70 14.47
C GLY A 300 1.22 -29.18 14.12
N SER B 4 47.89 27.29 5.16
CA SER B 4 47.82 27.71 6.59
C SER B 4 46.63 27.09 7.33
N ILE B 5 45.54 26.87 6.61
CA ILE B 5 44.32 26.31 7.20
C ILE B 5 44.56 24.87 7.65
N LYS B 6 44.00 24.51 8.78
CA LYS B 6 44.29 23.21 9.39
C LYS B 6 43.10 22.24 9.34
N ILE B 7 43.31 21.08 8.72
CA ILE B 7 42.26 20.08 8.58
C ILE B 7 42.45 18.93 9.56
N GLY B 8 41.35 18.46 10.13
CA GLY B 8 41.33 17.35 11.08
C GLY B 8 40.38 16.26 10.64
N PHE B 9 40.76 15.02 10.98
CA PHE B 9 39.96 13.85 10.68
C PHE B 9 39.72 13.03 11.94
N ILE B 10 38.47 13.04 12.41
CA ILE B 10 38.01 12.17 13.49
C ILE B 10 37.56 10.85 12.85
N GLY B 11 38.49 9.90 12.77
CA GLY B 11 38.28 8.66 12.03
C GLY B 11 38.86 8.74 10.62
N LEU B 12 39.39 7.61 10.16
CA LEU B 12 40.02 7.48 8.84
C LEU B 12 39.57 6.18 8.19
N GLY B 13 38.32 6.12 7.76
CA GLY B 13 37.80 4.89 7.16
C GLY B 13 38.22 4.70 5.71
N ALA B 14 37.39 3.99 4.97
CA ALA B 14 37.59 3.80 3.53
C ALA B 14 37.50 5.12 2.78
N MET B 15 36.68 6.04 3.30
CA MET B 15 36.52 7.37 2.70
C MET B 15 37.53 8.36 3.26
N GLY B 16 37.68 8.38 4.59
CA GLY B 16 38.51 9.35 5.27
C GLY B 16 39.95 9.37 4.83
N LYS B 17 40.54 8.19 4.65
CA LYS B 17 41.94 8.04 4.28
C LYS B 17 42.30 8.66 2.92
N PRO B 18 41.61 8.25 1.83
CA PRO B 18 41.91 8.92 0.54
C PRO B 18 41.64 10.42 0.52
N MET B 19 40.63 10.87 1.27
CA MET B 19 40.32 12.29 1.39
C MET B 19 41.51 13.02 2.02
N ALA B 20 42.01 12.49 3.12
CA ALA B 20 43.16 13.07 3.81
C ALA B 20 44.38 13.12 2.89
N ILE B 21 44.62 12.04 2.16
CA ILE B 21 45.74 11.97 1.22
C ILE B 21 45.65 13.02 0.11
N ASN B 22 44.46 13.19 -0.46
CA ASN B 22 44.26 14.21 -1.48
C ASN B 22 44.54 15.62 -0.95
N LEU B 23 44.14 15.86 0.30
CA LEU B 23 44.43 17.13 0.97
C LEU B 23 45.93 17.30 1.19
N LEU B 24 46.60 16.21 1.57
CA LEU B 24 48.03 16.23 1.79
C LEU B 24 48.80 16.49 0.50
N LYS B 25 48.29 16.00 -0.62
CA LYS B 25 48.89 16.22 -1.92
C LYS B 25 48.76 17.66 -2.41
N GLU B 26 47.86 18.44 -1.80
CA GLU B 26 47.77 19.88 -2.04
C GLU B 26 48.56 20.68 -1.02
N GLY B 27 49.32 19.98 -0.17
CA GLY B 27 50.13 20.64 0.85
C GLY B 27 49.32 21.25 1.97
N VAL B 28 48.10 20.72 2.17
CA VAL B 28 47.23 21.15 3.26
C VAL B 28 47.68 20.43 4.53
N THR B 29 47.78 21.15 5.65
CA THR B 29 48.10 20.52 6.94
C THR B 29 46.93 19.69 7.43
N VAL B 30 47.17 18.41 7.66
CA VAL B 30 46.14 17.45 8.08
C VAL B 30 46.52 16.74 9.38
N TYR B 31 45.70 16.95 10.41
CA TYR B 31 45.77 16.19 11.67
C TYR B 31 44.80 15.01 11.61
N ALA B 32 45.11 13.92 12.31
CA ALA B 32 44.29 12.71 12.22
C ALA B 32 44.41 11.77 13.42
N PHE B 33 43.26 11.19 13.78
CA PHE B 33 43.19 10.10 14.73
C PHE B 33 42.17 9.06 14.25
N ASP B 34 42.53 7.80 14.44
CA ASP B 34 41.66 6.67 14.16
C ASP B 34 42.02 5.61 15.19
N LEU B 35 41.03 4.83 15.60
CA LEU B 35 41.26 3.79 16.60
C LEU B 35 42.19 2.70 16.05
N MET B 36 42.17 2.50 14.73
CA MET B 36 43.11 1.61 14.08
C MET B 36 44.39 2.37 13.71
N GLU B 37 45.44 2.15 14.50
CA GLU B 37 46.79 2.69 14.25
C GLU B 37 47.26 2.60 12.80
N ALA B 38 47.08 1.45 12.14
CA ALA B 38 47.55 1.30 10.75
C ALA B 38 46.97 2.37 9.82
N ASN B 39 45.75 2.82 10.09
CA ASN B 39 45.11 3.87 9.30
C ASN B 39 45.80 5.24 9.48
N VAL B 40 46.16 5.54 10.73
CA VAL B 40 46.92 6.74 11.03
C VAL B 40 48.28 6.69 10.34
N ALA B 41 48.95 5.53 10.44
CA ALA B 41 50.28 5.34 9.84
C ALA B 41 50.24 5.50 8.32
N ALA B 42 49.18 5.01 7.69
CA ALA B 42 49.00 5.15 6.25
C ALA B 42 49.06 6.61 5.79
N VAL B 43 48.34 7.49 6.50
CA VAL B 43 48.29 8.91 6.15
C VAL B 43 49.51 9.70 6.65
N VAL B 44 50.05 9.32 7.80
CA VAL B 44 51.27 9.98 8.33
C VAL B 44 52.43 9.83 7.34
N ALA B 45 52.46 8.72 6.61
CA ALA B 45 53.45 8.47 5.57
C ALA B 45 53.33 9.46 4.41
N GLN B 46 52.12 9.95 4.15
CA GLN B 46 51.90 10.96 3.12
C GLN B 46 51.93 12.37 3.68
N GLY B 47 52.27 12.51 4.96
CA GLY B 47 52.50 13.82 5.57
C GLY B 47 51.53 14.26 6.65
N ALA B 48 50.60 13.39 7.05
CA ALA B 48 49.64 13.72 8.09
C ALA B 48 50.35 13.77 9.45
N GLN B 49 49.81 14.61 10.34
CA GLN B 49 50.29 14.67 11.71
C GLN B 49 49.35 13.88 12.63
N ALA B 50 49.86 12.80 13.20
CA ALA B 50 49.07 11.92 14.07
C ALA B 50 48.75 12.59 15.40
N CYS B 51 47.58 12.26 15.94
CA CYS B 51 47.12 12.78 17.23
C CYS B 51 46.74 11.61 18.12
N GLU B 52 46.77 11.84 19.44
CA GLU B 52 46.55 10.75 20.40
C GLU B 52 45.07 10.41 20.56
N ASN B 53 44.18 11.36 20.25
CA ASN B 53 42.74 11.18 20.43
C ASN B 53 41.93 12.23 19.67
N ASN B 54 40.61 12.11 19.71
CA ASN B 54 39.70 13.06 19.04
C ASN B 54 39.85 14.50 19.51
N GLN B 55 40.03 14.68 20.82
CA GLN B 55 40.14 16.02 21.42
C GLN B 55 41.34 16.79 20.91
N LYS B 56 42.45 16.07 20.71
CA LYS B 56 43.67 16.67 20.23
C LYS B 56 43.53 17.09 18.78
N VAL B 57 42.90 16.24 17.95
CA VAL B 57 42.59 16.64 16.58
C VAL B 57 41.71 17.89 16.60
N ALA B 58 40.70 17.89 17.45
CA ALA B 58 39.76 19.01 17.56
C ALA B 58 40.45 20.33 17.88
N ALA B 59 41.32 20.33 18.90
CA ALA B 59 42.03 21.52 19.36
C ALA B 59 42.97 22.11 18.31
N ALA B 60 43.57 21.26 17.47
CA ALA B 60 44.52 21.69 16.46
C ALA B 60 43.89 22.15 15.14
N SER B 61 42.65 21.72 14.86
CA SER B 61 42.07 21.87 13.52
C SER B 61 41.11 23.04 13.37
N ASP B 62 41.01 23.56 12.15
CA ASP B 62 40.03 24.60 11.78
C ASP B 62 38.79 23.98 11.15
N ILE B 63 39.02 22.95 10.34
CA ILE B 63 37.96 22.22 9.68
C ILE B 63 38.15 20.76 10.00
N ILE B 64 37.12 20.13 10.55
CA ILE B 64 37.20 18.75 11.01
C ILE B 64 36.17 17.92 10.25
N PHE B 65 36.64 16.81 9.67
CA PHE B 65 35.80 15.89 8.96
C PHE B 65 35.53 14.68 9.82
N THR B 66 34.28 14.23 9.77
CA THR B 66 33.89 12.98 10.41
C THR B 66 32.80 12.28 9.62
N SER B 67 32.77 10.96 9.75
CA SER B 67 31.69 10.14 9.20
C SER B 67 31.45 8.96 10.12
N LEU B 68 30.40 9.06 10.93
CA LEU B 68 30.12 8.08 11.96
C LEU B 68 28.88 7.23 11.58
N PRO B 69 28.72 6.07 12.23
CA PRO B 69 27.66 5.12 11.80
C PRO B 69 26.20 5.56 12.02
N ASN B 70 25.93 6.32 13.08
CA ASN B 70 24.58 6.78 13.33
C ASN B 70 24.54 8.03 14.23
N ALA B 71 23.34 8.57 14.42
CA ALA B 71 23.15 9.79 15.21
C ALA B 71 23.55 9.63 16.67
N GLY B 72 23.35 8.44 17.22
CA GLY B 72 23.73 8.15 18.60
C GLY B 72 25.23 8.27 18.82
N ILE B 73 26.01 7.78 17.85
CA ILE B 73 27.47 7.81 17.94
C ILE B 73 27.99 9.23 17.69
N VAL B 74 27.35 9.95 16.77
CA VAL B 74 27.63 11.37 16.55
C VAL B 74 27.49 12.15 17.86
N GLU B 75 26.35 12.00 18.53
CA GLU B 75 26.13 12.65 19.81
C GLU B 75 27.18 12.27 20.87
N THR B 76 27.53 11.00 20.95
CA THR B 76 28.56 10.56 21.90
C THR B 76 29.91 11.19 21.56
N VAL B 77 30.31 11.11 20.30
CA VAL B 77 31.60 11.64 19.86
C VAL B 77 31.67 13.15 20.05
N MET B 78 30.61 13.84 19.66
CA MET B 78 30.61 15.30 19.61
C MET B 78 30.30 15.91 20.96
N ASN B 79 29.19 15.46 21.54
CA ASN B 79 28.63 16.12 22.70
C ASN B 79 28.86 15.34 23.98
N GLY B 80 29.24 14.07 23.86
CA GLY B 80 29.40 13.22 25.03
C GLY B 80 30.57 13.67 25.88
N PRO B 81 30.70 13.11 27.10
CA PRO B 81 31.77 13.46 28.05
C PRO B 81 33.13 13.61 27.35
N GLY B 82 33.81 14.74 27.59
CA GLY B 82 35.08 15.06 26.92
C GLY B 82 34.95 15.06 25.40
N GLY B 83 33.85 15.59 24.88
CA GLY B 83 33.53 15.49 23.46
C GLY B 83 34.37 16.36 22.56
N VAL B 84 34.20 16.17 21.26
CA VAL B 84 34.90 16.96 20.24
C VAL B 84 34.54 18.46 20.35
N LEU B 85 33.25 18.73 20.55
CA LEU B 85 32.76 20.11 20.66
C LEU B 85 33.45 20.91 21.76
N SER B 86 33.61 20.32 22.94
CA SER B 86 34.27 20.99 24.05
C SER B 86 35.75 21.32 23.80
N ALA B 87 36.38 20.58 22.88
CA ALA B 87 37.81 20.75 22.58
C ALA B 87 38.09 21.63 21.36
N CYS B 88 37.05 22.03 20.64
CA CYS B 88 37.20 22.93 19.48
C CYS B 88 37.33 24.39 19.92
N LYS B 89 38.19 25.10 19.19
CA LYS B 89 38.26 26.55 19.28
C LYS B 89 37.02 27.11 18.58
N ALA B 90 36.54 28.26 19.04
CA ALA B 90 35.43 28.93 18.38
C ALA B 90 35.84 29.32 16.96
N GLY B 91 34.88 29.24 16.03
CA GLY B 91 35.15 29.50 14.61
C GLY B 91 35.58 28.26 13.86
N THR B 92 35.74 27.15 14.57
CA THR B 92 36.03 25.87 13.95
C THR B 92 34.76 25.38 13.26
N VAL B 93 34.94 24.76 12.11
CA VAL B 93 33.83 24.15 11.38
C VAL B 93 33.92 22.63 11.46
N ILE B 94 32.83 21.98 11.84
CA ILE B 94 32.73 20.53 11.80
C ILE B 94 31.93 20.10 10.57
N VAL B 95 32.52 19.22 9.77
CA VAL B 95 31.87 18.73 8.56
C VAL B 95 31.51 17.26 8.75
N ASP B 96 30.23 17.03 9.05
CA ASP B 96 29.68 15.72 9.38
C ASP B 96 29.13 15.07 8.10
N MET B 97 29.80 14.01 7.67
CA MET B 97 29.41 13.29 6.47
C MET B 97 28.61 12.04 6.83
N SER B 98 28.27 11.89 8.11
CA SER B 98 27.51 10.76 8.60
C SER B 98 26.12 10.69 7.95
N SER B 99 25.65 9.46 7.77
CA SER B 99 24.36 9.18 7.17
C SER B 99 23.31 9.23 8.28
N VAL B 100 22.75 10.42 8.47
CA VAL B 100 21.86 10.71 9.60
C VAL B 100 20.72 11.58 9.12
N SER B 101 19.67 11.66 9.94
CA SER B 101 18.52 12.53 9.64
C SER B 101 18.89 13.99 9.83
N PRO B 102 18.26 14.89 9.03
CA PRO B 102 18.49 16.34 9.18
C PRO B 102 18.36 16.81 10.64
N SER B 103 17.36 16.29 11.35
CA SER B 103 17.09 16.69 12.72
C SER B 103 18.25 16.40 13.64
N SER B 104 18.87 15.25 13.46
CA SER B 104 20.12 14.88 14.14
C SER B 104 21.17 15.99 14.01
N THR B 105 21.35 16.46 12.78
CA THR B 105 22.35 17.48 12.48
C THR B 105 21.92 18.85 13.04
N LEU B 106 20.64 19.16 12.90
CA LEU B 106 20.10 20.39 13.44
C LEU B 106 20.35 20.52 14.96
N LYS B 107 20.20 19.43 15.69
CA LYS B 107 20.35 19.49 17.13
C LYS B 107 21.82 19.59 17.53
N MET B 108 22.71 18.98 16.76
CA MET B 108 24.15 19.13 16.98
C MET B 108 24.59 20.55 16.66
N ALA B 109 24.08 21.09 15.57
CA ALA B 109 24.45 22.44 15.14
C ALA B 109 24.07 23.46 16.22
N LYS B 110 22.95 23.21 16.89
CA LYS B 110 22.50 24.04 18.00
C LYS B 110 23.49 24.06 19.16
N VAL B 111 23.89 22.88 19.61
CA VAL B 111 24.84 22.77 20.71
C VAL B 111 26.20 23.36 20.28
N ALA B 112 26.58 23.11 19.02
CA ALA B 112 27.83 23.65 18.46
C ALA B 112 27.80 25.18 18.41
N ALA B 113 26.69 25.75 17.93
CA ALA B 113 26.55 27.21 17.78
C ALA B 113 26.77 27.98 19.08
N GLU B 114 26.31 27.40 20.18
CA GLU B 114 26.51 27.97 21.51
C GLU B 114 28.00 28.10 21.88
N LYS B 115 28.81 27.18 21.38
CA LYS B 115 30.26 27.18 21.57
C LYS B 115 30.98 27.96 20.47
N GLY B 116 30.22 28.59 19.56
CA GLY B 116 30.80 29.34 18.45
C GLY B 116 31.36 28.45 17.37
N ILE B 117 30.92 27.20 17.36
CA ILE B 117 31.39 26.20 16.38
C ILE B 117 30.33 26.04 15.30
N ASP B 118 30.77 26.05 14.04
CA ASP B 118 29.86 25.84 12.91
C ASP B 118 29.78 24.36 12.61
N TYR B 119 28.55 23.84 12.52
CA TYR B 119 28.32 22.39 12.30
C TYR B 119 27.57 22.18 10.97
N VAL B 120 28.18 21.41 10.08
CA VAL B 120 27.73 21.30 8.70
C VAL B 120 27.50 19.84 8.34
N ASP B 121 26.34 19.54 7.75
CA ASP B 121 26.11 18.24 7.15
C ASP B 121 26.63 18.30 5.71
N ALA B 122 27.47 17.33 5.35
CA ALA B 122 28.08 17.28 4.03
C ALA B 122 28.24 15.83 3.61
N PRO B 123 27.12 15.10 3.54
CA PRO B 123 27.20 13.74 3.06
C PRO B 123 27.70 13.71 1.62
N VAL B 124 28.34 12.61 1.24
CA VAL B 124 28.96 12.47 -0.06
C VAL B 124 28.41 11.25 -0.82
N SER B 125 28.55 11.28 -2.14
CA SER B 125 28.35 10.10 -2.96
C SER B 125 29.55 9.92 -3.89
N GLY B 126 29.72 8.70 -4.41
CA GLY B 126 30.83 8.34 -5.30
C GLY B 126 31.67 7.17 -4.80
N GLY B 127 31.54 6.85 -3.52
CA GLY B 127 32.19 5.69 -2.95
C GLY B 127 33.67 5.90 -2.72
N THR B 128 34.39 4.80 -2.52
CA THR B 128 35.81 4.84 -2.23
C THR B 128 36.62 5.17 -3.48
N LYS B 129 36.15 4.73 -4.64
CA LYS B 129 36.82 5.06 -5.89
C LYS B 129 36.76 6.57 -6.15
N GLY B 130 35.60 7.17 -5.91
CA GLY B 130 35.45 8.63 -6.00
C GLY B 130 36.27 9.36 -4.94
N ALA B 131 36.37 8.75 -3.77
CA ALA B 131 37.17 9.31 -2.68
C ALA B 131 38.64 9.38 -3.07
N GLU B 132 39.13 8.29 -3.65
CA GLU B 132 40.51 8.19 -4.13
C GLU B 132 40.79 9.19 -5.24
N ALA B 133 39.89 9.26 -6.23
CA ALA B 133 40.07 10.15 -7.38
C ALA B 133 39.81 11.62 -7.06
N GLY B 134 39.24 11.90 -5.88
CA GLY B 134 38.85 13.26 -5.51
C GLY B 134 37.68 13.77 -6.34
N THR B 135 36.80 12.85 -6.75
CA THR B 135 35.67 13.21 -7.61
C THR B 135 34.30 13.04 -6.92
N LEU B 136 34.31 12.90 -5.60
CA LEU B 136 33.08 12.76 -4.80
C LEU B 136 32.08 13.88 -5.08
N THR B 137 30.80 13.54 -5.10
CA THR B 137 29.74 14.54 -5.07
C THR B 137 29.44 14.84 -3.61
N ILE B 138 29.48 16.11 -3.24
CA ILE B 138 29.30 16.51 -1.85
C ILE B 138 28.09 17.46 -1.75
N MET B 139 27.13 17.09 -0.91
CA MET B 139 25.88 17.84 -0.75
C MET B 139 25.89 18.53 0.62
N VAL B 140 25.91 19.86 0.61
CA VAL B 140 26.20 20.63 1.82
C VAL B 140 25.01 21.42 2.35
N GLY B 141 24.73 21.25 3.65
CA GLY B 141 23.74 22.04 4.35
C GLY B 141 24.47 23.01 5.26
N ALA B 142 24.34 24.31 4.97
CA ALA B 142 25.06 25.34 5.70
C ALA B 142 24.59 26.75 5.37
N SER B 143 25.05 27.72 6.16
CA SER B 143 24.85 29.12 5.81
C SER B 143 25.70 29.42 4.57
N GLU B 144 25.39 30.50 3.87
CA GLU B 144 26.19 30.93 2.73
C GLU B 144 27.64 31.20 3.15
N ALA B 145 27.79 31.93 4.25
CA ALA B 145 29.12 32.30 4.77
C ALA B 145 29.97 31.08 5.09
N VAL B 146 29.35 30.09 5.71
CA VAL B 146 30.08 28.87 6.10
C VAL B 146 30.42 28.00 4.88
N PHE B 147 29.51 27.94 3.91
CA PHE B 147 29.78 27.20 2.66
C PHE B 147 30.99 27.79 1.92
N GLU B 148 31.04 29.10 1.82
CA GLU B 148 32.17 29.78 1.17
C GLU B 148 33.49 29.56 1.93
N LYS B 149 33.40 29.57 3.25
CA LYS B 149 34.51 29.19 4.13
C LYS B 149 35.11 27.84 3.70
N ILE B 150 34.27 26.81 3.65
CA ILE B 150 34.76 25.42 3.50
C ILE B 150 34.89 24.93 2.05
N GLN B 151 34.24 25.61 1.12
CA GLN B 151 34.17 25.18 -0.28
C GLN B 151 35.54 24.86 -0.94
N PRO B 152 36.54 25.74 -0.75
CA PRO B 152 37.85 25.43 -1.34
C PRO B 152 38.46 24.10 -0.88
N VAL B 153 38.31 23.77 0.40
CA VAL B 153 38.77 22.48 0.94
C VAL B 153 37.93 21.32 0.39
N LEU B 154 36.61 21.49 0.38
CA LEU B 154 35.69 20.53 -0.24
C LEU B 154 36.05 20.27 -1.71
N SER B 155 36.48 21.32 -2.41
CA SER B 155 36.82 21.20 -3.83
C SER B 155 38.07 20.39 -4.10
N VAL B 156 38.92 20.18 -3.10
CA VAL B 156 40.07 19.26 -3.28
C VAL B 156 39.61 17.79 -3.19
N ILE B 157 38.75 17.48 -2.23
CA ILE B 157 38.32 16.11 -1.99
C ILE B 157 37.16 15.66 -2.88
N GLY B 158 36.42 16.61 -3.45
CA GLY B 158 35.28 16.29 -4.32
C GLY B 158 35.32 17.02 -5.64
N LYS B 159 34.42 16.64 -6.55
CA LYS B 159 34.29 17.31 -7.85
C LYS B 159 33.05 18.22 -7.84
N ASP B 160 31.85 17.64 -7.85
CA ASP B 160 30.62 18.41 -7.77
C ASP B 160 30.26 18.69 -6.32
N ILE B 161 30.47 19.94 -5.91
CA ILE B 161 30.16 20.40 -4.56
C ILE B 161 28.88 21.22 -4.61
N TYR B 162 27.82 20.72 -3.99
CA TYR B 162 26.53 21.41 -3.98
C TYR B 162 26.21 22.06 -2.64
N HIS B 163 25.87 23.34 -2.69
CA HIS B 163 25.28 24.02 -1.56
C HIS B 163 23.76 23.85 -1.70
N VAL B 164 23.24 22.81 -1.06
CA VAL B 164 21.86 22.35 -1.31
C VAL B 164 20.83 23.09 -0.45
N GLY B 165 21.31 23.80 0.55
CA GLY B 165 20.43 24.55 1.42
C GLY B 165 21.10 24.81 2.75
N ASP B 166 20.29 25.13 3.76
CA ASP B 166 20.82 25.37 5.09
C ASP B 166 20.99 24.07 5.83
N THR B 167 21.39 24.16 7.10
CA THR B 167 21.69 22.96 7.92
C THR B 167 20.67 21.87 7.81
N GLY B 168 21.16 20.65 7.59
CA GLY B 168 20.29 19.48 7.46
C GLY B 168 19.91 19.14 6.02
N ALA B 169 20.27 20.03 5.10
CA ALA B 169 19.88 19.88 3.71
C ALA B 169 20.72 18.87 2.92
N GLY B 170 22.00 18.71 3.25
CA GLY B 170 22.84 17.67 2.68
C GLY B 170 22.28 16.31 3.04
N ASP B 171 22.07 16.08 4.34
CA ASP B 171 21.47 14.85 4.85
C ASP B 171 20.13 14.59 4.17
N ALA B 172 19.36 15.66 4.03
CA ALA B 172 18.02 15.58 3.44
C ALA B 172 18.01 15.11 1.99
N VAL B 173 18.91 15.63 1.16
CA VAL B 173 18.85 15.36 -0.27
C VAL B 173 19.30 13.94 -0.57
N LYS B 174 20.26 13.46 0.22
CA LYS B 174 20.73 12.09 0.17
C LYS B 174 19.60 11.13 0.54
N ILE B 175 18.95 11.42 1.67
CA ILE B 175 17.81 10.63 2.13
C ILE B 175 16.69 10.58 1.06
N VAL B 176 16.40 11.71 0.44
CA VAL B 176 15.37 11.76 -0.59
C VAL B 176 15.77 10.96 -1.84
N ASN B 177 17.02 11.07 -2.24
CA ASN B 177 17.50 10.28 -3.37
C ASN B 177 17.41 8.77 -3.11
N ASN B 178 17.92 8.34 -1.98
CA ASN B 178 17.98 6.92 -1.63
C ASN B 178 16.64 6.25 -1.36
N LEU B 179 15.72 7.04 -0.82
CA LEU B 179 14.31 6.68 -0.70
C LEU B 179 13.72 6.34 -2.06
N LEU B 180 14.00 7.18 -3.04
CA LEU B 180 13.48 6.94 -4.39
C LEU B 180 14.12 5.70 -5.03
N LEU B 181 15.41 5.51 -4.82
CA LEU B 181 16.08 4.28 -5.28
C LEU B 181 15.39 3.02 -4.74
N GLY B 182 15.18 3.01 -3.43
CA GLY B 182 14.54 1.90 -2.76
C GLY B 182 13.12 1.65 -3.19
N CYS B 183 12.30 2.71 -3.24
CA CYS B 183 10.93 2.61 -3.74
C CYS B 183 10.87 2.09 -5.17
N ASN B 184 11.74 2.63 -6.03
CA ASN B 184 11.75 2.27 -7.46
C ASN B 184 12.10 0.80 -7.63
N MET B 185 13.01 0.32 -6.80
CA MET B 185 13.43 -1.07 -6.84
C MET B 185 12.32 -2.01 -6.34
N ALA B 186 11.72 -1.66 -5.21
CA ALA B 186 10.59 -2.43 -4.66
C ALA B 186 9.46 -2.54 -5.70
N SER B 187 9.15 -1.44 -6.37
CA SER B 187 8.12 -1.44 -7.40
C SER B 187 8.53 -2.31 -8.57
N LEU B 188 9.80 -2.22 -8.98
CA LEU B 188 10.35 -3.05 -10.06
C LEU B 188 10.26 -4.54 -9.77
N ALA B 189 10.58 -4.92 -8.53
CA ALA B 189 10.57 -6.32 -8.10
C ALA B 189 9.24 -7.00 -8.40
N GLU B 190 8.14 -6.44 -7.88
CA GLU B 190 6.81 -7.01 -8.10
C GLU B 190 6.39 -6.89 -9.58
N ALA B 191 6.75 -5.79 -10.24
CA ALA B 191 6.41 -5.61 -11.67
C ALA B 191 6.98 -6.70 -12.57
N LEU B 192 8.23 -7.08 -12.30
CA LEU B 192 8.92 -8.07 -13.11
C LEU B 192 8.34 -9.47 -12.93
N VAL B 193 7.99 -9.78 -11.69
CA VAL B 193 7.33 -11.04 -11.39
C VAL B 193 5.99 -11.12 -12.09
N LEU B 194 5.22 -10.03 -12.06
CA LEU B 194 3.94 -9.97 -12.77
C LEU B 194 4.10 -10.23 -14.27
N GLY B 195 5.08 -9.55 -14.86
CA GLY B 195 5.36 -9.67 -16.29
C GLY B 195 5.72 -11.08 -16.70
N VAL B 196 6.58 -11.72 -15.91
CA VAL B 196 6.95 -13.11 -16.17
C VAL B 196 5.73 -14.01 -16.06
N LYS B 197 4.95 -13.83 -15.00
CA LYS B 197 3.72 -14.61 -14.82
C LYS B 197 2.78 -14.46 -16.01
N CYS B 198 2.73 -13.28 -16.60
CA CYS B 198 1.92 -12.99 -17.80
C CYS B 198 2.62 -13.37 -19.10
N GLY B 199 3.77 -14.06 -19.00
CA GLY B 199 4.42 -14.64 -20.17
C GLY B 199 5.48 -13.80 -20.85
N LEU B 200 5.94 -12.76 -20.19
CA LEU B 200 7.01 -11.93 -20.71
C LEU B 200 8.36 -12.46 -20.29
N LYS B 201 9.30 -12.46 -21.22
CA LYS B 201 10.70 -12.76 -20.92
C LYS B 201 11.34 -11.48 -20.37
N PRO B 202 12.16 -11.59 -19.29
CA PRO B 202 12.85 -10.45 -18.70
C PRO B 202 13.56 -9.57 -19.74
N GLU B 203 14.19 -10.21 -20.72
CA GLU B 203 14.86 -9.52 -21.83
C GLU B 203 13.96 -8.50 -22.55
N THR B 204 12.73 -8.88 -22.85
CA THR B 204 11.82 -7.97 -23.55
C THR B 204 11.29 -6.88 -22.62
N MET B 205 11.05 -7.20 -21.35
CA MET B 205 10.72 -6.15 -20.39
C MET B 205 11.86 -5.14 -20.28
N GLN B 206 13.08 -5.63 -20.21
CA GLN B 206 14.22 -4.72 -20.19
C GLN B 206 14.29 -3.81 -21.42
N GLU B 207 14.20 -4.42 -22.60
CA GLU B 207 14.26 -3.68 -23.85
C GLU B 207 13.15 -2.64 -23.94
N ILE B 208 11.91 -3.05 -23.69
CA ILE B 208 10.75 -2.17 -23.88
C ILE B 208 10.62 -1.12 -22.77
N ILE B 209 10.57 -1.59 -21.53
CA ILE B 209 10.41 -0.66 -20.40
C ILE B 209 11.60 0.30 -20.30
N GLY B 210 12.78 -0.22 -20.60
CA GLY B 210 14.00 0.61 -20.67
C GLY B 210 13.93 1.77 -21.65
N LYS B 211 13.11 1.66 -22.69
CA LYS B 211 12.89 2.74 -23.64
C LYS B 211 11.56 3.44 -23.40
N SER B 212 10.87 3.13 -22.31
CA SER B 212 9.51 3.60 -22.07
C SER B 212 9.42 4.33 -20.73
N SER B 213 8.21 4.81 -20.41
CA SER B 213 7.97 5.72 -19.30
C SER B 213 8.13 5.07 -17.91
N GLY B 214 8.18 3.75 -17.86
CA GLY B 214 8.35 3.03 -16.60
C GLY B 214 9.78 3.00 -16.12
N ARG B 215 10.71 3.51 -16.93
CA ARG B 215 12.13 3.32 -16.68
C ARG B 215 12.62 4.11 -15.49
N SER B 216 13.65 3.58 -14.84
CA SER B 216 14.30 4.25 -13.73
C SER B 216 15.76 3.83 -13.69
N TYR B 217 16.57 4.60 -12.97
CA TYR B 217 17.95 4.18 -12.76
C TYR B 217 18.02 2.82 -12.04
N ALA B 218 17.15 2.62 -11.05
CA ALA B 218 17.02 1.31 -10.38
C ALA B 218 17.02 0.14 -11.38
N MET B 219 16.14 0.22 -12.38
CA MET B 219 16.05 -0.81 -13.39
C MET B 219 17.32 -0.89 -14.24
N GLU B 220 17.84 0.26 -14.66
CA GLU B 220 19.06 0.30 -15.48
C GLU B 220 20.23 -0.36 -14.75
N ALA B 221 20.37 -0.04 -13.47
CA ALA B 221 21.51 -0.52 -12.69
C ALA B 221 21.41 -1.99 -12.37
N LYS B 222 20.21 -2.49 -12.10
CA LYS B 222 20.06 -3.80 -11.47
C LYS B 222 19.61 -4.96 -12.37
N MET B 223 18.80 -4.68 -13.39
CA MET B 223 18.14 -5.78 -14.07
C MET B 223 19.08 -6.73 -14.80
N GLU B 224 19.99 -6.18 -15.59
CA GLU B 224 20.90 -7.02 -16.33
C GLU B 224 22.00 -7.61 -15.43
N LYS B 225 22.63 -6.77 -14.63
CA LYS B 225 23.79 -7.19 -13.86
C LYS B 225 23.45 -8.19 -12.73
N PHE B 226 22.31 -7.98 -12.08
CA PHE B 226 21.97 -8.75 -10.88
C PHE B 226 20.74 -9.64 -11.09
N ILE B 227 19.65 -9.06 -11.54
CA ILE B 227 18.39 -9.79 -11.59
C ILE B 227 18.42 -10.86 -12.68
N MET B 228 18.76 -10.49 -13.90
CA MET B 228 18.76 -11.46 -14.98
C MET B 228 19.94 -12.45 -14.90
N SER B 229 21.06 -12.02 -14.32
CA SER B 229 22.20 -12.90 -14.07
C SER B 229 21.85 -13.89 -12.96
N GLY B 230 21.08 -13.44 -11.98
CA GLY B 230 20.89 -14.20 -10.74
C GLY B 230 22.02 -14.12 -9.74
N ASP B 231 23.05 -13.32 -10.05
CA ASP B 231 24.18 -13.10 -9.13
C ASP B 231 23.93 -11.81 -8.38
N PHE B 232 23.56 -11.95 -7.11
CA PHE B 232 23.25 -10.80 -6.25
C PHE B 232 24.37 -10.48 -5.29
N ALA B 233 25.57 -11.02 -5.51
CA ALA B 233 26.75 -10.67 -4.71
C ALA B 233 27.17 -9.24 -5.04
N GLY B 234 27.64 -8.52 -4.03
CA GLY B 234 28.13 -7.16 -4.19
C GLY B 234 27.01 -6.18 -4.38
N GLY B 235 27.27 -5.15 -5.19
CA GLY B 235 26.35 -4.07 -5.41
C GLY B 235 26.11 -3.26 -4.16
N PHE B 236 24.86 -2.94 -3.90
CA PHE B 236 24.49 -2.12 -2.77
C PHE B 236 23.64 -2.96 -1.82
N ALA B 237 24.22 -3.29 -0.66
CA ALA B 237 23.63 -4.23 0.29
C ALA B 237 22.19 -3.89 0.64
N MET B 238 21.36 -4.93 0.66
CA MET B 238 19.95 -4.79 1.04
C MET B 238 19.80 -4.17 2.42
N ASP B 239 20.69 -4.52 3.35
CA ASP B 239 20.71 -3.94 4.70
C ASP B 239 20.87 -2.39 4.66
N LEU B 240 21.73 -1.92 3.77
CA LEU B 240 22.05 -0.49 3.67
C LEU B 240 20.88 0.26 3.07
N GLN B 241 20.29 -0.30 2.01
CA GLN B 241 19.11 0.28 1.40
C GLN B 241 17.97 0.36 2.41
N HIS B 242 17.81 -0.70 3.20
CA HIS B 242 16.81 -0.73 4.27
C HIS B 242 17.05 0.36 5.33
N LYS B 243 18.31 0.46 5.76
CA LYS B 243 18.73 1.51 6.69
C LYS B 243 18.39 2.91 6.12
N ASP B 244 18.66 3.11 4.84
CA ASP B 244 18.32 4.36 4.17
C ASP B 244 16.83 4.65 4.18
N LEU B 245 16.02 3.64 3.90
CA LEU B 245 14.58 3.82 3.96
C LEU B 245 14.10 4.20 5.39
N GLY B 246 14.73 3.59 6.40
CA GLY B 246 14.45 3.92 7.80
C GLY B 246 14.78 5.34 8.17
N LEU B 247 15.87 5.86 7.61
CA LEU B 247 16.23 7.27 7.80
C LEU B 247 15.20 8.21 7.19
N ALA B 248 14.67 7.84 6.02
CA ALA B 248 13.58 8.58 5.38
C ALA B 248 12.36 8.63 6.29
N LEU B 249 11.97 7.49 6.84
CA LEU B 249 10.83 7.39 7.74
C LEU B 249 11.04 8.19 9.02
N GLU B 250 12.27 8.20 9.53
CA GLU B 250 12.62 9.03 10.67
C GLU B 250 12.42 10.52 10.32
N ALA B 251 12.91 10.93 9.16
CA ALA B 251 12.72 12.30 8.68
C ALA B 251 11.25 12.65 8.46
N GLY B 252 10.47 11.72 7.93
CA GLY B 252 9.03 11.92 7.78
C GLY B 252 8.28 12.12 9.09
N LYS B 253 8.62 11.30 10.09
CA LYS B 253 8.05 11.41 11.44
C LYS B 253 8.39 12.77 12.05
N GLU B 254 9.67 13.14 11.99
CA GLU B 254 10.14 14.41 12.55
C GLU B 254 9.53 15.62 11.85
N GLY B 255 9.28 15.51 10.54
CA GLY B 255 8.68 16.61 9.78
C GLY B 255 7.19 16.52 9.56
N ASN B 256 6.54 15.51 10.14
CA ASN B 256 5.11 15.24 9.89
C ASN B 256 4.77 15.20 8.39
N VAL B 257 5.50 14.37 7.66
CA VAL B 257 5.25 14.13 6.26
C VAL B 257 4.99 12.64 6.07
N PRO B 258 3.73 12.29 5.72
CA PRO B 258 3.44 10.89 5.44
C PRO B 258 4.25 10.35 4.27
N LEU B 259 4.67 9.10 4.38
CA LEU B 259 5.53 8.44 3.40
C LEU B 259 5.05 7.01 3.20
N PRO B 260 3.83 6.85 2.65
CA PRO B 260 3.24 5.51 2.46
C PRO B 260 4.03 4.56 1.53
N MET B 261 4.52 5.06 0.41
CA MET B 261 5.30 4.25 -0.53
C MET B 261 6.62 3.81 0.11
N THR B 262 7.28 4.75 0.76
CA THR B 262 8.52 4.47 1.47
C THR B 262 8.32 3.44 2.58
N ALA B 263 7.25 3.63 3.35
CA ALA B 263 6.88 2.72 4.42
C ALA B 263 6.68 1.31 3.90
N MET B 264 6.04 1.19 2.74
CA MET B 264 5.72 -0.10 2.15
CA MET B 264 5.73 -0.14 2.22
C MET B 264 7.00 -0.77 1.64
N ALA B 265 7.80 0.00 0.91
CA ALA B 265 9.10 -0.48 0.43
C ALA B 265 9.94 -1.01 1.60
N THR B 266 9.93 -0.28 2.72
CA THR B 266 10.71 -0.67 3.88
C THR B 266 10.32 -2.07 4.37
N GLN B 267 9.03 -2.36 4.37
CA GLN B 267 8.55 -3.66 4.86
C GLN B 267 8.82 -4.81 3.89
N ILE B 268 8.77 -4.51 2.59
CA ILE B 268 9.16 -5.44 1.58
C ILE B 268 10.64 -5.81 1.69
N PHE B 269 11.51 -4.82 1.84
CA PHE B 269 12.94 -5.09 2.06
C PHE B 269 13.18 -5.83 3.38
N GLU B 270 12.35 -5.55 4.39
CA GLU B 270 12.44 -6.33 5.64
C GLU B 270 12.15 -7.81 5.40
N GLY B 271 11.22 -8.10 4.49
CA GLY B 271 10.95 -9.46 4.08
C GLY B 271 12.19 -10.17 3.52
N GLY B 272 12.91 -9.47 2.65
CA GLY B 272 14.17 -9.98 2.10
C GLY B 272 15.18 -10.24 3.20
N ARG B 273 15.30 -9.32 4.13
CA ARG B 273 16.18 -9.51 5.29
C ARG B 273 15.75 -10.73 6.13
N ALA B 274 14.44 -10.89 6.31
CA ALA B 274 13.90 -12.04 7.02
C ALA B 274 14.34 -13.36 6.34
N MET B 275 14.46 -13.32 5.02
CA MET B 275 14.88 -14.46 4.23
C MET B 275 16.40 -14.64 4.16
N GLY B 276 17.14 -13.83 4.91
CA GLY B 276 18.60 -13.92 4.95
C GLY B 276 19.34 -13.25 3.81
N LEU B 277 18.69 -12.31 3.12
CA LEU B 277 19.23 -11.68 1.93
C LEU B 277 19.90 -10.31 2.19
N GLY B 278 20.07 -9.94 3.45
CA GLY B 278 20.56 -8.62 3.83
C GLY B 278 21.90 -8.17 3.26
N ARG B 279 22.81 -9.11 3.06
CA ARG B 279 24.14 -8.83 2.55
C ARG B 279 24.25 -8.91 1.03
N GLU B 280 23.19 -9.35 0.35
CA GLU B 280 23.11 -9.36 -1.09
C GLU B 280 22.74 -7.99 -1.59
N ASP B 281 22.99 -7.74 -2.87
CA ASP B 281 22.51 -6.49 -3.47
C ASP B 281 21.01 -6.39 -3.23
N MET B 282 20.54 -5.17 -3.00
CA MET B 282 19.13 -4.91 -2.71
C MET B 282 18.11 -5.45 -3.74
N SER B 283 18.53 -5.65 -5.00
CA SER B 283 17.65 -6.16 -6.04
C SER B 283 17.26 -7.61 -5.76
N ALA B 284 17.99 -8.23 -4.82
CA ALA B 284 17.66 -9.57 -4.30
C ALA B 284 16.27 -9.67 -3.68
N VAL B 285 15.70 -8.52 -3.29
CA VAL B 285 14.34 -8.44 -2.77
C VAL B 285 13.29 -9.05 -3.72
N ILE B 286 13.60 -9.14 -5.00
CA ILE B 286 12.73 -9.83 -5.96
C ILE B 286 12.49 -11.29 -5.53
N LYS B 287 13.45 -11.87 -4.82
CA LYS B 287 13.28 -13.24 -4.28
C LYS B 287 12.15 -13.41 -3.25
N VAL B 288 11.79 -12.34 -2.54
CA VAL B 288 10.59 -12.36 -1.70
C VAL B 288 9.38 -12.86 -2.53
N TRP B 289 9.18 -12.26 -3.70
CA TRP B 289 8.08 -12.61 -4.60
C TRP B 289 8.28 -13.93 -5.34
N GLU B 290 9.49 -14.21 -5.82
CA GLU B 290 9.75 -15.45 -6.54
C GLU B 290 9.41 -16.65 -5.67
N GLN B 291 9.82 -16.60 -4.40
CA GLN B 291 9.67 -17.75 -3.53
C GLN B 291 8.20 -17.95 -3.14
N MET B 292 7.48 -16.85 -2.97
CA MET B 292 6.07 -16.88 -2.60
C MET B 292 5.19 -17.39 -3.75
N THR B 293 5.57 -17.08 -4.99
CA THR B 293 4.75 -17.38 -6.17
C THR B 293 5.25 -18.58 -7.00
N GLY B 294 6.53 -18.90 -6.86
CA GLY B 294 7.14 -19.89 -7.72
C GLY B 294 7.45 -19.34 -9.11
N VAL B 295 7.29 -18.03 -9.30
CA VAL B 295 7.65 -17.39 -10.55
C VAL B 295 9.16 -17.15 -10.55
N SER B 296 9.85 -17.54 -11.62
CA SER B 296 11.28 -17.30 -11.70
C SER B 296 11.56 -16.18 -12.70
N VAL B 297 12.15 -15.10 -12.19
CA VAL B 297 12.62 -13.99 -13.02
C VAL B 297 14.11 -14.11 -13.17
N SER B 298 14.82 -14.28 -12.06
CA SER B 298 16.28 -14.24 -12.07
C SER B 298 16.87 -15.56 -12.60
N GLY B 299 16.71 -15.77 -13.91
CA GLY B 299 17.13 -17.00 -14.56
C GLY B 299 18.63 -17.21 -14.57
N ILE C 5 -5.77 -1.51 -49.98
CA ILE C 5 -5.82 -2.09 -48.61
C ILE C 5 -7.00 -1.50 -47.85
N LYS C 6 -7.70 -2.33 -47.08
CA LYS C 6 -8.95 -1.91 -46.44
C LYS C 6 -8.84 -1.89 -44.92
N ILE C 7 -8.80 -0.68 -44.36
CA ILE C 7 -8.74 -0.47 -42.93
C ILE C 7 -10.12 -0.07 -42.40
N GLY C 8 -10.48 -0.60 -41.24
CA GLY C 8 -11.74 -0.29 -40.57
C GLY C 8 -11.50 0.24 -39.17
N PHE C 9 -12.40 1.12 -38.73
CA PHE C 9 -12.36 1.69 -37.39
C PHE C 9 -13.69 1.52 -36.69
N ILE C 10 -13.70 0.63 -35.68
CA ILE C 10 -14.81 0.52 -34.76
C ILE C 10 -14.60 1.57 -33.71
N GLY C 11 -15.29 2.70 -33.87
CA GLY C 11 -15.11 3.83 -32.97
C GLY C 11 -13.99 4.74 -33.44
N LEU C 12 -14.13 6.02 -33.14
CA LEU C 12 -13.24 7.04 -33.67
C LEU C 12 -13.04 8.13 -32.61
N GLY C 13 -12.39 7.75 -31.52
CA GLY C 13 -12.21 8.63 -30.38
C GLY C 13 -11.15 9.68 -30.60
N ALA C 14 -10.53 10.12 -29.51
CA ALA C 14 -9.43 11.08 -29.58
C ALA C 14 -8.23 10.48 -30.30
N MET C 15 -8.06 9.16 -30.17
CA MET C 15 -6.97 8.42 -30.81
C MET C 15 -7.37 7.97 -32.21
N GLY C 16 -8.55 7.37 -32.32
CA GLY C 16 -9.03 6.81 -33.59
C GLY C 16 -9.07 7.81 -34.74
N LYS C 17 -9.59 9.00 -34.45
CA LYS C 17 -9.69 10.10 -35.43
C LYS C 17 -8.38 10.39 -36.18
N PRO C 18 -7.34 10.85 -35.45
CA PRO C 18 -6.06 11.16 -36.10
C PRO C 18 -5.35 9.96 -36.76
N MET C 19 -5.53 8.76 -36.20
CA MET C 19 -4.99 7.55 -36.80
C MET C 19 -5.59 7.32 -38.18
N ALA C 20 -6.91 7.42 -38.27
CA ALA C 20 -7.63 7.26 -39.54
C ALA C 20 -7.17 8.30 -40.57
N ILE C 21 -7.02 9.54 -40.12
CA ILE C 21 -6.57 10.64 -40.98
C ILE C 21 -5.15 10.41 -41.53
N ASN C 22 -4.24 9.95 -40.68
CA ASN C 22 -2.88 9.62 -41.11
C ASN C 22 -2.87 8.51 -42.15
N LEU C 23 -3.74 7.51 -41.96
CA LEU C 23 -3.92 6.44 -42.94
C LEU C 23 -4.48 6.98 -44.25
N LEU C 24 -5.45 7.90 -44.16
CA LEU C 24 -6.05 8.52 -45.35
C LEU C 24 -5.04 9.37 -46.11
N LYS C 25 -4.12 10.00 -45.38
CA LYS C 25 -3.03 10.78 -45.98
C LYS C 25 -2.05 9.93 -46.79
N GLU C 26 -1.99 8.63 -46.50
CA GLU C 26 -1.18 7.70 -47.29
C GLU C 26 -1.99 7.04 -48.41
N GLY C 27 -3.23 7.49 -48.61
CA GLY C 27 -4.09 6.95 -49.66
C GLY C 27 -4.60 5.55 -49.38
N VAL C 28 -4.60 5.14 -48.11
CA VAL C 28 -5.16 3.84 -47.76
C VAL C 28 -6.67 4.00 -47.60
N THR C 29 -7.41 3.00 -48.06
CA THR C 29 -8.87 3.00 -47.92
C THR C 29 -9.29 2.74 -46.46
N VAL C 30 -10.05 3.69 -45.90
CA VAL C 30 -10.48 3.62 -44.51
C VAL C 30 -12.01 3.65 -44.39
N TYR C 31 -12.59 2.57 -43.86
CA TYR C 31 -14.00 2.53 -43.48
C TYR C 31 -14.12 2.89 -41.98
N ALA C 32 -15.26 3.47 -41.59
CA ALA C 32 -15.41 3.94 -40.21
C ALA C 32 -16.86 4.06 -39.74
N PHE C 33 -17.07 3.72 -38.48
CA PHE C 33 -18.33 4.00 -37.78
C PHE C 33 -18.02 4.45 -36.34
N ASP C 34 -18.82 5.38 -35.84
CA ASP C 34 -18.68 5.89 -34.47
C ASP C 34 -20.05 6.02 -33.80
N LEU C 35 -20.03 6.06 -32.47
CA LEU C 35 -21.22 6.25 -31.65
C LEU C 35 -21.97 7.53 -32.02
N MET C 36 -21.24 8.55 -32.46
CA MET C 36 -21.82 9.86 -32.77
C MET C 36 -21.63 10.24 -34.24
N GLU C 37 -22.35 11.28 -34.67
CA GLU C 37 -22.33 11.71 -36.07
C GLU C 37 -21.00 12.35 -36.47
N ALA C 38 -20.65 13.40 -35.74
CA ALA C 38 -19.62 14.37 -36.10
C ALA C 38 -18.21 13.78 -36.28
N ASN C 39 -17.92 12.71 -35.56
CA ASN C 39 -16.63 12.04 -35.67
C ASN C 39 -16.46 11.37 -37.04
N VAL C 40 -17.52 10.71 -37.51
CA VAL C 40 -17.52 10.09 -38.83
C VAL C 40 -17.36 11.16 -39.91
N ALA C 41 -18.09 12.27 -39.77
CA ALA C 41 -18.02 13.39 -40.71
C ALA C 41 -16.61 14.00 -40.79
N ALA C 42 -15.95 14.11 -39.64
CA ALA C 42 -14.58 14.62 -39.57
C ALA C 42 -13.63 13.84 -40.47
N VAL C 43 -13.69 12.51 -40.42
CA VAL C 43 -12.81 11.67 -41.23
C VAL C 43 -13.28 11.49 -42.67
N VAL C 44 -14.59 11.50 -42.89
CA VAL C 44 -15.15 11.38 -44.24
C VAL C 44 -14.75 12.59 -45.11
N ALA C 45 -14.51 13.73 -44.46
CA ALA C 45 -13.98 14.91 -45.12
C ALA C 45 -12.54 14.71 -45.61
N GLN C 46 -11.79 13.88 -44.88
CA GLN C 46 -10.42 13.52 -45.25
C GLN C 46 -10.35 12.33 -46.21
N GLY C 47 -11.51 11.74 -46.53
CA GLY C 47 -11.58 10.64 -47.49
C GLY C 47 -12.06 9.30 -46.97
N ALA C 48 -12.50 9.26 -45.72
CA ALA C 48 -12.99 8.03 -45.13
C ALA C 48 -14.35 7.67 -45.72
N GLN C 49 -14.64 6.37 -45.80
CA GLN C 49 -15.94 5.89 -46.21
C GLN C 49 -16.79 5.51 -44.99
N ALA C 50 -17.85 6.26 -44.76
CA ALA C 50 -18.73 6.05 -43.61
C ALA C 50 -19.53 4.75 -43.73
N CYS C 51 -19.78 4.12 -42.59
CA CYS C 51 -20.59 2.90 -42.53
C CYS C 51 -21.71 3.07 -41.52
N GLU C 52 -22.76 2.26 -41.68
CA GLU C 52 -23.98 2.43 -40.88
C GLU C 52 -23.80 1.85 -39.47
N ASN C 53 -22.91 0.88 -39.32
CA ASN C 53 -22.72 0.19 -38.05
C ASN C 53 -21.40 -0.59 -38.01
N ASN C 54 -21.08 -1.18 -36.86
CA ASN C 54 -19.86 -1.98 -36.68
C ASN C 54 -19.77 -3.17 -37.63
N GLN C 55 -20.92 -3.83 -37.79
CA GLN C 55 -21.03 -5.02 -38.62
C GLN C 55 -20.67 -4.72 -40.09
N LYS C 56 -21.03 -3.52 -40.56
CA LYS C 56 -20.72 -3.07 -41.93
C LYS C 56 -19.23 -2.74 -42.11
N VAL C 57 -18.63 -2.07 -41.13
CA VAL C 57 -17.18 -1.83 -41.13
C VAL C 57 -16.43 -3.17 -41.17
N ALA C 58 -16.88 -4.11 -40.34
CA ALA C 58 -16.25 -5.43 -40.25
C ALA C 58 -16.22 -6.17 -41.58
N ALA C 59 -17.36 -6.20 -42.28
CA ALA C 59 -17.48 -6.91 -43.57
C ALA C 59 -16.59 -6.33 -44.67
N ALA C 60 -16.38 -5.01 -44.65
CA ALA C 60 -15.61 -4.34 -45.69
C ALA C 60 -14.10 -4.34 -45.45
N SER C 61 -13.67 -4.51 -44.20
CA SER C 61 -12.27 -4.27 -43.82
C SER C 61 -11.40 -5.54 -43.75
N ASP C 62 -10.10 -5.34 -43.97
CA ASP C 62 -9.09 -6.39 -43.80
C ASP C 62 -8.42 -6.29 -42.44
N ILE C 63 -8.17 -5.04 -42.02
CA ILE C 63 -7.60 -4.75 -40.72
C ILE C 63 -8.53 -3.76 -40.03
N ILE C 64 -8.97 -4.13 -38.82
CA ILE C 64 -9.92 -3.33 -38.07
C ILE C 64 -9.26 -2.89 -36.77
N PHE C 65 -9.35 -1.59 -36.49
CA PHE C 65 -8.85 -1.01 -35.26
C PHE C 65 -9.99 -0.72 -34.32
N THR C 66 -9.77 -1.01 -33.04
CA THR C 66 -10.70 -0.64 -32.00
C THR C 66 -9.96 -0.32 -30.71
N SER C 67 -10.58 0.53 -29.90
CA SER C 67 -10.12 0.81 -28.56
C SER C 67 -11.35 1.05 -27.70
N LEU C 68 -11.70 0.06 -26.89
CA LEU C 68 -12.92 0.10 -26.08
C LEU C 68 -12.54 0.25 -24.60
N PRO C 69 -13.50 0.68 -23.75
CA PRO C 69 -13.19 1.01 -22.36
C PRO C 69 -12.76 -0.15 -21.45
N ASN C 70 -13.29 -1.36 -21.67
CA ASN C 70 -12.96 -2.51 -20.83
C ASN C 70 -13.25 -3.84 -21.52
N ALA C 71 -12.85 -4.93 -20.86
CA ALA C 71 -13.00 -6.27 -21.41
C ALA C 71 -14.47 -6.66 -21.66
N GLY C 72 -15.36 -6.19 -20.78
CA GLY C 72 -16.78 -6.47 -20.91
C GLY C 72 -17.37 -5.90 -22.20
N ILE C 73 -16.96 -4.69 -22.54
CA ILE C 73 -17.44 -4.02 -23.74
C ILE C 73 -16.81 -4.62 -25.00
N VAL C 74 -15.54 -5.00 -24.90
CA VAL C 74 -14.86 -5.75 -25.97
C VAL C 74 -15.66 -7.02 -26.27
N GLU C 75 -15.93 -7.77 -25.21
CA GLU C 75 -16.77 -8.96 -25.28
C GLU C 75 -18.05 -8.67 -26.08
N THR C 76 -18.80 -7.66 -25.64
CA THR C 76 -20.10 -7.32 -26.23
C THR C 76 -19.99 -6.89 -27.68
N VAL C 77 -19.03 -6.03 -27.98
CA VAL C 77 -18.81 -5.54 -29.33
C VAL C 77 -18.35 -6.66 -30.28
N MET C 78 -17.37 -7.44 -29.82
CA MET C 78 -16.78 -8.50 -30.64
C MET C 78 -17.71 -9.69 -30.77
N ASN C 79 -18.04 -10.28 -29.63
CA ASN C 79 -18.63 -11.60 -29.55
C ASN C 79 -20.13 -11.58 -29.28
N GLY C 80 -20.63 -10.43 -28.81
CA GLY C 80 -22.04 -10.31 -28.45
C GLY C 80 -22.95 -10.43 -29.67
N PRO C 81 -24.27 -10.57 -29.44
CA PRO C 81 -25.26 -10.73 -30.50
C PRO C 81 -24.99 -9.81 -31.69
N GLY C 82 -24.95 -10.38 -32.90
CA GLY C 82 -24.61 -9.64 -34.13
C GLY C 82 -23.26 -8.95 -34.04
N GLY C 83 -22.28 -9.64 -33.45
CA GLY C 83 -20.99 -9.04 -33.13
C GLY C 83 -20.10 -8.78 -34.34
N VAL C 84 -18.99 -8.10 -34.09
CA VAL C 84 -18.00 -7.79 -35.12
C VAL C 84 -17.40 -9.08 -35.70
N LEU C 85 -17.08 -10.03 -34.82
CA LEU C 85 -16.49 -11.31 -35.22
C LEU C 85 -17.32 -12.06 -36.27
N SER C 86 -18.63 -12.12 -36.05
CA SER C 86 -19.53 -12.82 -36.98
C SER C 86 -19.58 -12.17 -38.37
N ALA C 87 -19.29 -10.87 -38.45
CA ALA C 87 -19.36 -10.13 -39.70
C ALA C 87 -18.03 -10.02 -40.44
N CYS C 88 -16.94 -10.48 -39.82
CA CYS C 88 -15.62 -10.46 -40.45
C CYS C 88 -15.46 -11.64 -41.38
N LYS C 89 -14.79 -11.39 -42.49
CA LYS C 89 -14.43 -12.43 -43.42
C LYS C 89 -13.11 -13.03 -42.93
N ALA C 90 -12.94 -14.34 -43.12
CA ALA C 90 -11.76 -15.04 -42.63
C ALA C 90 -10.47 -14.42 -43.17
N GLY C 91 -9.43 -14.40 -42.34
CA GLY C 91 -8.16 -13.75 -42.70
C GLY C 91 -8.12 -12.29 -42.31
N THR C 92 -9.23 -11.76 -41.82
CA THR C 92 -9.28 -10.40 -41.32
C THR C 92 -8.51 -10.37 -40.01
N VAL C 93 -7.82 -9.26 -39.77
CA VAL C 93 -7.10 -9.04 -38.53
C VAL C 93 -7.82 -7.95 -37.75
N ILE C 94 -8.08 -8.21 -36.48
CA ILE C 94 -8.60 -7.19 -35.57
C ILE C 94 -7.45 -6.78 -34.65
N VAL C 95 -7.24 -5.45 -34.58
CA VAL C 95 -6.21 -4.86 -33.76
C VAL C 95 -6.86 -4.13 -32.59
N ASP C 96 -6.83 -4.78 -31.43
CA ASP C 96 -7.48 -4.27 -30.24
C ASP C 96 -6.46 -3.45 -29.43
N MET C 97 -6.72 -2.15 -29.34
CA MET C 97 -5.86 -1.23 -28.60
C MET C 97 -6.46 -0.92 -27.23
N SER C 98 -7.51 -1.64 -26.86
CA SER C 98 -8.16 -1.46 -25.55
C SER C 98 -7.19 -1.75 -24.42
N SER C 99 -7.27 -0.95 -23.36
CA SER C 99 -6.53 -1.22 -22.12
C SER C 99 -7.23 -2.35 -21.36
N VAL C 100 -6.77 -3.58 -21.58
CA VAL C 100 -7.38 -4.78 -20.98
C VAL C 100 -6.31 -5.77 -20.54
N SER C 101 -6.68 -6.77 -19.74
CA SER C 101 -5.76 -7.82 -19.32
C SER C 101 -5.40 -8.73 -20.50
N PRO C 102 -4.20 -9.33 -20.48
CA PRO C 102 -3.82 -10.32 -21.50
C PRO C 102 -4.87 -11.43 -21.67
N SER C 103 -5.39 -11.93 -20.55
CA SER C 103 -6.37 -13.02 -20.57
C SER C 103 -7.64 -12.64 -21.33
N SER C 104 -8.10 -11.42 -21.12
CA SER C 104 -9.19 -10.85 -21.91
C SER C 104 -8.94 -11.04 -23.41
N THR C 105 -7.75 -10.66 -23.85
CA THR C 105 -7.38 -10.75 -25.26
C THR C 105 -7.21 -12.20 -25.69
N LEU C 106 -6.69 -13.03 -24.79
CA LEU C 106 -6.54 -14.48 -25.02
C LEU C 106 -7.89 -15.11 -25.27
N LYS C 107 -8.79 -14.94 -24.30
CA LYS C 107 -10.19 -15.35 -24.40
C LYS C 107 -10.82 -14.99 -25.75
N MET C 108 -10.53 -13.78 -26.23
CA MET C 108 -11.14 -13.27 -27.45
C MET C 108 -10.44 -13.73 -28.76
N ALA C 109 -9.13 -13.91 -28.72
CA ALA C 109 -8.36 -14.46 -29.86
C ALA C 109 -8.77 -15.92 -30.14
N LYS C 110 -9.15 -16.61 -29.06
CA LYS C 110 -9.57 -18.00 -29.13
C LYS C 110 -10.88 -18.17 -29.92
N VAL C 111 -11.86 -17.29 -29.65
CA VAL C 111 -13.14 -17.28 -30.39
C VAL C 111 -12.93 -16.78 -31.84
N ALA C 112 -12.06 -15.79 -32.00
CA ALA C 112 -11.72 -15.25 -33.31
C ALA C 112 -11.09 -16.32 -34.21
N ALA C 113 -10.12 -17.06 -33.66
CA ALA C 113 -9.35 -18.08 -34.38
C ALA C 113 -10.24 -19.16 -35.02
N GLU C 114 -11.27 -19.61 -34.30
CA GLU C 114 -12.22 -20.60 -34.84
C GLU C 114 -13.00 -20.09 -36.04
N LYS C 115 -13.12 -18.77 -36.17
CA LYS C 115 -13.72 -18.14 -37.35
C LYS C 115 -12.70 -17.88 -38.47
N GLY C 116 -11.41 -18.11 -38.19
CA GLY C 116 -10.32 -17.76 -39.11
C GLY C 116 -9.91 -16.29 -39.03
N ILE C 117 -10.26 -15.64 -37.93
CA ILE C 117 -9.95 -14.22 -37.73
C ILE C 117 -8.75 -14.11 -36.79
N ASP C 118 -7.78 -13.27 -37.16
CA ASP C 118 -6.64 -13.01 -36.31
C ASP C 118 -6.98 -11.88 -35.36
N TYR C 119 -6.71 -12.07 -34.08
CA TYR C 119 -7.01 -11.07 -33.04
C TYR C 119 -5.72 -10.70 -32.32
N VAL C 120 -5.32 -9.44 -32.44
CA VAL C 120 -4.06 -8.99 -31.83
C VAL C 120 -4.28 -7.82 -30.89
N ASP C 121 -3.58 -7.88 -29.75
CA ASP C 121 -3.53 -6.76 -28.83
C ASP C 121 -2.40 -5.85 -29.30
N ALA C 122 -2.71 -4.56 -29.41
CA ALA C 122 -1.75 -3.55 -29.85
C ALA C 122 -1.99 -2.24 -29.11
N PRO C 123 -1.90 -2.27 -27.78
CA PRO C 123 -2.05 -1.02 -27.04
C PRO C 123 -0.97 -0.03 -27.42
N VAL C 124 -1.27 1.26 -27.29
CA VAL C 124 -0.36 2.31 -27.73
C VAL C 124 -0.04 3.28 -26.59
N SER C 125 1.08 3.99 -26.73
CA SER C 125 1.38 5.12 -25.86
C SER C 125 1.81 6.31 -26.71
N GLY C 126 1.72 7.51 -26.14
CA GLY C 126 2.03 8.76 -26.84
C GLY C 126 0.90 9.77 -26.81
N GLY C 127 -0.30 9.31 -26.49
CA GLY C 127 -1.46 10.19 -26.34
C GLY C 127 -1.99 10.70 -27.66
N THR C 128 -2.85 11.71 -27.59
CA THR C 128 -3.49 12.28 -28.77
C THR C 128 -2.52 13.06 -29.64
N LYS C 129 -1.54 13.71 -29.01
CA LYS C 129 -0.51 14.44 -29.75
C LYS C 129 0.35 13.48 -30.57
N GLY C 130 0.71 12.33 -29.97
CA GLY C 130 1.40 11.28 -30.70
C GLY C 130 0.54 10.66 -31.79
N ALA C 131 -0.76 10.57 -31.53
CA ALA C 131 -1.71 10.04 -32.49
C ALA C 131 -1.78 10.94 -33.73
N GLU C 132 -1.85 12.25 -33.48
CA GLU C 132 -1.87 13.25 -34.55
C GLU C 132 -0.58 13.23 -35.37
N ALA C 133 0.56 13.22 -34.68
CA ALA C 133 1.86 13.24 -35.36
C ALA C 133 2.24 11.90 -35.99
N GLY C 134 1.49 10.84 -35.70
CA GLY C 134 1.82 9.51 -36.19
C GLY C 134 3.08 8.94 -35.56
N THR C 135 3.34 9.33 -34.31
CA THR C 135 4.56 8.94 -33.59
C THR C 135 4.28 8.03 -32.39
N LEU C 136 3.07 7.46 -32.33
CA LEU C 136 2.69 6.54 -31.24
C LEU C 136 3.65 5.36 -31.11
N THR C 137 3.91 4.97 -29.86
CA THR C 137 4.61 3.71 -29.59
C THR C 137 3.55 2.63 -29.48
N ILE C 138 3.72 1.57 -30.26
CA ILE C 138 2.71 0.52 -30.36
C ILE C 138 3.34 -0.80 -29.95
N MET C 139 2.74 -1.46 -28.96
CA MET C 139 3.26 -2.70 -28.40
C MET C 139 2.34 -3.84 -28.80
N VAL C 140 2.86 -4.78 -29.59
CA VAL C 140 2.04 -5.78 -30.27
C VAL C 140 2.26 -7.20 -29.74
N GLY C 141 1.14 -7.87 -29.46
CA GLY C 141 1.13 -9.29 -29.12
C GLY C 141 0.51 -10.06 -30.26
N ALA C 142 1.30 -10.87 -30.95
CA ALA C 142 0.84 -11.59 -32.15
C ALA C 142 1.83 -12.65 -32.59
N SER C 143 1.41 -13.49 -33.54
CA SER C 143 2.33 -14.40 -34.21
C SER C 143 3.25 -13.58 -35.08
N GLU C 144 4.39 -14.15 -35.46
CA GLU C 144 5.33 -13.48 -36.35
C GLU C 144 4.65 -13.15 -37.68
N ALA C 145 3.95 -14.13 -38.24
CA ALA C 145 3.25 -13.96 -39.52
C ALA C 145 2.24 -12.81 -39.50
N VAL C 146 1.47 -12.72 -38.42
CA VAL C 146 0.45 -11.69 -38.29
C VAL C 146 1.06 -10.31 -38.06
N PHE C 147 2.17 -10.24 -37.30
CA PHE C 147 2.87 -8.98 -37.08
C PHE C 147 3.39 -8.40 -38.40
N GLU C 148 4.04 -9.21 -39.20
CA GLU C 148 4.56 -8.75 -40.49
C GLU C 148 3.43 -8.31 -41.42
N LYS C 149 2.29 -8.99 -41.35
CA LYS C 149 1.10 -8.62 -42.11
C LYS C 149 0.57 -7.22 -41.74
N ILE C 150 0.53 -6.89 -40.46
CA ILE C 150 -0.02 -5.59 -40.03
C ILE C 150 1.02 -4.48 -39.83
N GLN C 151 2.30 -4.85 -39.73
CA GLN C 151 3.37 -3.89 -39.42
C GLN C 151 3.40 -2.63 -40.31
N PRO C 152 3.29 -2.81 -41.65
CA PRO C 152 3.30 -1.63 -42.54
C PRO C 152 2.19 -0.61 -42.25
N VAL C 153 1.00 -1.09 -41.92
CA VAL C 153 -0.12 -0.21 -41.54
C VAL C 153 0.14 0.44 -40.16
N LEU C 154 0.61 -0.36 -39.21
CA LEU C 154 1.05 0.16 -37.90
C LEU C 154 2.11 1.26 -38.05
N SER C 155 2.99 1.09 -39.02
CA SER C 155 4.08 2.03 -39.25
C SER C 155 3.65 3.41 -39.76
N VAL C 156 2.44 3.50 -40.32
CA VAL C 156 1.90 4.81 -40.70
C VAL C 156 1.37 5.56 -39.49
N ILE C 157 0.65 4.87 -38.61
CA ILE C 157 0.02 5.52 -37.45
C ILE C 157 0.97 5.67 -36.25
N GLY C 158 2.04 4.89 -36.21
CA GLY C 158 3.01 4.95 -35.11
C GLY C 158 4.45 5.07 -35.56
N LYS C 159 5.34 5.34 -34.60
CA LYS C 159 6.77 5.42 -34.87
C LYS C 159 7.44 4.12 -34.42
N ASP C 160 7.60 3.96 -33.11
CA ASP C 160 8.22 2.76 -32.55
C ASP C 160 7.18 1.65 -32.42
N ILE C 161 7.26 0.69 -33.34
CA ILE C 161 6.36 -0.45 -33.36
C ILE C 161 7.12 -1.65 -32.80
N TYR C 162 6.68 -2.15 -31.64
CA TYR C 162 7.31 -3.29 -31.00
C TYR C 162 6.49 -4.57 -31.15
N HIS C 163 7.15 -5.62 -31.61
CA HIS C 163 6.61 -6.97 -31.56
C HIS C 163 7.09 -7.57 -30.25
N VAL C 164 6.28 -7.40 -29.20
CA VAL C 164 6.72 -7.66 -27.81
C VAL C 164 6.58 -9.13 -27.42
N GLY C 165 5.83 -9.90 -28.22
CA GLY C 165 5.62 -11.30 -27.93
C GLY C 165 4.38 -11.79 -28.62
N ASP C 166 3.86 -12.92 -28.17
CA ASP C 166 2.63 -13.46 -28.74
C ASP C 166 1.40 -12.78 -28.11
N THR C 167 0.21 -13.27 -28.47
CA THR C 167 -1.06 -12.70 -28.03
C THR C 167 -1.12 -12.40 -26.52
N GLY C 168 -1.52 -11.18 -26.17
CA GLY C 168 -1.65 -10.75 -24.77
C GLY C 168 -0.41 -10.21 -24.09
N ALA C 169 0.71 -10.86 -24.33
CA ALA C 169 2.00 -10.38 -23.85
C ALA C 169 2.16 -8.88 -24.19
N GLY C 170 1.48 -8.45 -25.24
CA GLY C 170 1.37 -7.01 -25.54
C GLY C 170 0.62 -6.20 -24.49
N ASP C 171 -0.54 -6.71 -24.08
CA ASP C 171 -1.28 -6.17 -22.92
C ASP C 171 -0.40 -6.16 -21.68
N ALA C 172 0.28 -7.28 -21.45
CA ALA C 172 1.11 -7.48 -20.27
C ALA C 172 2.22 -6.43 -20.13
N VAL C 173 2.93 -6.16 -21.22
CA VAL C 173 4.12 -5.30 -21.13
C VAL C 173 3.74 -3.81 -20.91
N LYS C 174 2.67 -3.37 -21.57
CA LYS C 174 2.06 -2.06 -21.33
C LYS C 174 1.62 -1.90 -19.86
N ILE C 175 0.93 -2.91 -19.35
CA ILE C 175 0.50 -2.91 -17.96
C ILE C 175 1.67 -2.80 -16.99
N VAL C 176 2.73 -3.56 -17.27
CA VAL C 176 3.93 -3.52 -16.42
C VAL C 176 4.63 -2.17 -16.52
N ASN C 177 4.74 -1.60 -17.72
CA ASN C 177 5.37 -0.30 -17.87
C ASN C 177 4.64 0.80 -17.10
N ASN C 178 3.32 0.86 -17.29
CA ASN C 178 2.48 1.93 -16.73
C ASN C 178 2.30 1.81 -15.22
N LEU C 179 2.34 0.59 -14.72
CA LEU C 179 2.44 0.32 -13.28
C LEU C 179 3.67 0.98 -12.67
N LEU C 180 4.81 0.84 -13.35
CA LEU C 180 6.05 1.42 -12.90
C LEU C 180 6.02 2.94 -12.97
N LEU C 181 5.48 3.49 -14.06
CA LEU C 181 5.27 4.94 -14.15
C LEU C 181 4.49 5.48 -12.96
N GLY C 182 3.36 4.86 -12.65
CA GLY C 182 2.49 5.26 -11.55
C GLY C 182 3.14 5.14 -10.18
N CYS C 183 3.82 4.02 -9.94
CA CYS C 183 4.53 3.82 -8.68
C CYS C 183 5.65 4.84 -8.51
N ASN C 184 6.40 5.07 -9.59
CA ASN C 184 7.54 5.98 -9.54
C ASN C 184 7.07 7.40 -9.24
N MET C 185 5.92 7.77 -9.79
CA MET C 185 5.33 9.08 -9.54
C MET C 185 4.82 9.22 -8.11
N ALA C 186 4.09 8.22 -7.63
CA ALA C 186 3.59 8.23 -6.26
C ALA C 186 4.73 8.36 -5.26
N SER C 187 5.83 7.65 -5.51
CA SER C 187 7.01 7.73 -4.67
C SER C 187 7.63 9.12 -4.72
N LEU C 188 7.73 9.68 -5.93
CA LEU C 188 8.27 11.01 -6.16
C LEU C 188 7.46 12.08 -5.39
N ALA C 189 6.14 11.95 -5.43
CA ALA C 189 5.24 12.91 -4.79
C ALA C 189 5.58 13.10 -3.30
N GLU C 190 5.60 12.01 -2.53
CA GLU C 190 5.91 12.11 -1.11
C GLU C 190 7.36 12.54 -0.86
N ALA C 191 8.28 12.09 -1.72
CA ALA C 191 9.70 12.42 -1.60
C ALA C 191 9.97 13.90 -1.72
N LEU C 192 9.31 14.54 -2.68
CA LEU C 192 9.50 15.97 -2.91
C LEU C 192 8.95 16.82 -1.77
N VAL C 193 7.81 16.40 -1.23
CA VAL C 193 7.21 17.07 -0.08
C VAL C 193 8.12 16.96 1.17
N LEU C 194 8.69 15.78 1.39
CA LEU C 194 9.68 15.57 2.45
C LEU C 194 10.88 16.51 2.29
N GLY C 195 11.40 16.59 1.07
CA GLY C 195 12.58 17.38 0.76
C GLY C 195 12.35 18.86 1.03
N VAL C 196 11.22 19.36 0.59
CA VAL C 196 10.85 20.76 0.83
C VAL C 196 10.69 21.01 2.32
N LYS C 197 9.99 20.11 3.01
CA LYS C 197 9.87 20.22 4.46
C LYS C 197 11.25 20.27 5.17
N CYS C 198 12.24 19.55 4.64
CA CYS C 198 13.60 19.55 5.18
C CYS C 198 14.47 20.68 4.63
N GLY C 199 13.84 21.60 3.88
CA GLY C 199 14.49 22.84 3.47
C GLY C 199 15.15 22.81 2.11
N LEU C 200 14.81 21.83 1.29
CA LEU C 200 15.32 21.76 -0.08
C LEU C 200 14.42 22.51 -1.05
N LYS C 201 15.03 23.22 -2.00
CA LYS C 201 14.30 23.76 -3.14
C LYS C 201 14.01 22.63 -4.11
N PRO C 202 12.85 22.65 -4.75
CA PRO C 202 12.56 21.71 -5.83
C PRO C 202 13.62 21.69 -6.95
N GLU C 203 14.07 22.86 -7.36
CA GLU C 203 15.17 22.98 -8.32
C GLU C 203 16.38 22.13 -7.88
N THR C 204 16.74 22.27 -6.61
CA THR C 204 17.93 21.60 -6.07
C THR C 204 17.78 20.09 -6.19
N MET C 205 16.62 19.61 -5.74
CA MET C 205 16.29 18.19 -5.85
C MET C 205 16.28 17.73 -7.30
N GLN C 206 15.71 18.53 -8.20
CA GLN C 206 15.77 18.21 -9.61
C GLN C 206 17.20 18.02 -10.11
N GLU C 207 18.09 18.97 -9.81
CA GLU C 207 19.51 18.90 -10.21
C GLU C 207 20.14 17.60 -9.71
N ILE C 208 20.15 17.45 -8.39
CA ILE C 208 20.89 16.38 -7.75
C ILE C 208 20.31 15.01 -8.04
N ILE C 209 19.02 14.85 -7.79
CA ILE C 209 18.38 13.56 -7.95
C ILE C 209 18.37 13.16 -9.43
N GLY C 210 18.13 14.14 -10.30
CA GLY C 210 18.22 13.93 -11.75
C GLY C 210 19.55 13.35 -12.19
N LYS C 211 20.62 13.64 -11.45
CA LYS C 211 21.96 13.14 -11.75
C LYS C 211 22.38 12.01 -10.83
N SER C 212 21.43 11.38 -10.14
CA SER C 212 21.77 10.34 -9.18
C SER C 212 20.80 9.16 -9.26
N SER C 213 20.96 8.24 -8.33
CA SER C 213 20.31 6.93 -8.42
C SER C 213 18.81 6.92 -8.16
N GLY C 214 18.27 8.02 -7.64
CA GLY C 214 16.83 8.14 -7.43
C GLY C 214 16.02 8.45 -8.69
N ARG C 215 16.71 8.74 -9.79
CA ARG C 215 16.06 9.29 -10.95
C ARG C 215 15.15 8.30 -11.67
N SER C 216 14.13 8.83 -12.31
CA SER C 216 13.22 8.04 -13.12
C SER C 216 12.68 8.91 -14.24
N TYR C 217 12.16 8.27 -15.27
CA TYR C 217 11.46 8.99 -16.32
C TYR C 217 10.28 9.80 -15.75
N ALA C 218 9.57 9.22 -14.79
CA ALA C 218 8.51 9.95 -14.07
C ALA C 218 8.97 11.34 -13.63
N MET C 219 10.10 11.39 -12.93
CA MET C 219 10.63 12.65 -12.46
C MET C 219 11.02 13.56 -13.60
N GLU C 220 11.68 12.99 -14.59
CA GLU C 220 12.19 13.81 -15.67
C GLU C 220 11.06 14.35 -16.56
N ALA C 221 9.96 13.61 -16.71
CA ALA C 221 8.81 14.09 -17.48
C ALA C 221 7.97 15.13 -16.74
N LYS C 222 7.84 15.00 -15.43
CA LYS C 222 6.80 15.74 -14.70
C LYS C 222 7.30 16.91 -13.87
N MET C 223 8.52 16.79 -13.36
CA MET C 223 9.02 17.75 -12.38
C MET C 223 8.98 19.20 -12.86
N GLU C 224 9.68 19.47 -13.94
CA GLU C 224 9.81 20.83 -14.41
C GLU C 224 8.53 21.34 -15.09
N LYS C 225 7.96 20.52 -15.96
CA LYS C 225 6.81 20.94 -16.76
C LYS C 225 5.52 21.11 -15.96
N PHE C 226 5.27 20.24 -14.98
CA PHE C 226 4.01 20.23 -14.24
C PHE C 226 4.15 20.64 -12.78
N ILE C 227 5.03 19.95 -12.06
CA ILE C 227 5.13 20.13 -10.60
C ILE C 227 5.68 21.52 -10.29
N MET C 228 6.84 21.85 -10.83
CA MET C 228 7.47 23.13 -10.55
C MET C 228 6.67 24.30 -11.11
N SER C 229 6.09 24.11 -12.28
CA SER C 229 5.26 25.13 -12.89
C SER C 229 3.96 25.33 -12.11
N GLY C 230 3.47 24.25 -11.50
CA GLY C 230 2.14 24.27 -10.90
C GLY C 230 0.99 24.20 -11.90
N ASP C 231 1.31 24.04 -13.18
CA ASP C 231 0.30 23.88 -14.23
C ASP C 231 0.14 22.41 -14.54
N PHE C 232 -0.97 21.83 -14.06
CA PHE C 232 -1.22 20.40 -14.20
C PHE C 232 -2.23 20.09 -15.29
N ALA C 233 -2.49 21.09 -16.14
CA ALA C 233 -3.34 20.88 -17.32
C ALA C 233 -2.63 19.99 -18.34
N GLY C 234 -3.41 19.13 -18.99
CA GLY C 234 -2.90 18.26 -20.03
C GLY C 234 -2.11 17.12 -19.44
N GLY C 235 -1.06 16.71 -20.17
CA GLY C 235 -0.24 15.58 -19.80
C GLY C 235 -1.01 14.29 -19.87
N PHE C 236 -0.83 13.46 -18.84
CA PHE C 236 -1.45 12.14 -18.79
C PHE C 236 -2.40 12.08 -17.60
N ALA C 237 -3.72 12.06 -17.89
CA ALA C 237 -4.76 12.25 -16.88
C ALA C 237 -4.62 11.30 -15.70
N MET C 238 -4.80 11.85 -14.50
CA MET C 238 -4.74 11.06 -13.27
C MET C 238 -5.71 9.87 -13.29
N ASP C 239 -6.88 10.08 -13.90
CA ASP C 239 -7.86 9.00 -14.05
C ASP C 239 -7.31 7.83 -14.87
N LEU C 240 -6.54 8.15 -15.90
CA LEU C 240 -5.99 7.14 -16.81
C LEU C 240 -4.86 6.37 -16.15
N GLN C 241 -4.00 7.07 -15.43
CA GLN C 241 -2.95 6.42 -14.66
C GLN C 241 -3.51 5.50 -13.57
N HIS C 242 -4.59 5.94 -12.92
CA HIS C 242 -5.29 5.14 -11.94
C HIS C 242 -5.95 3.89 -12.56
N LYS C 243 -6.57 4.08 -13.73
CA LYS C 243 -7.12 2.97 -14.49
C LYS C 243 -6.03 1.92 -14.76
N ASP C 244 -4.88 2.40 -15.22
CA ASP C 244 -3.76 1.54 -15.54
C ASP C 244 -3.30 0.75 -14.31
N LEU C 245 -3.20 1.42 -13.17
CA LEU C 245 -2.82 0.73 -11.94
C LEU C 245 -3.85 -0.35 -11.58
N GLY C 246 -5.12 -0.06 -11.82
CA GLY C 246 -6.20 -1.03 -11.62
C GLY C 246 -6.04 -2.28 -12.47
N LEU C 247 -5.66 -2.09 -13.73
CA LEU C 247 -5.42 -3.19 -14.66
C LEU C 247 -4.26 -4.07 -14.19
N ALA C 248 -3.22 -3.44 -13.64
CA ALA C 248 -2.11 -4.17 -13.00
C ALA C 248 -2.62 -5.06 -11.87
N LEU C 249 -3.44 -4.49 -10.99
CA LEU C 249 -3.98 -5.22 -9.84
C LEU C 249 -4.89 -6.36 -10.30
N GLU C 250 -5.63 -6.14 -11.37
CA GLU C 250 -6.44 -7.21 -11.97
C GLU C 250 -5.53 -8.35 -12.43
N ALA C 251 -4.46 -8.00 -13.13
CA ALA C 251 -3.51 -8.99 -13.60
C ALA C 251 -2.81 -9.73 -12.43
N GLY C 252 -2.49 -8.99 -11.38
CA GLY C 252 -1.91 -9.59 -10.16
C GLY C 252 -2.85 -10.60 -9.51
N LYS C 253 -4.13 -10.24 -9.42
CA LYS C 253 -5.15 -11.13 -8.86
C LYS C 253 -5.32 -12.39 -9.72
N GLU C 254 -5.41 -12.20 -11.03
CA GLU C 254 -5.56 -13.32 -11.96
C GLU C 254 -4.33 -14.24 -11.99
N GLY C 255 -3.14 -13.69 -11.77
CA GLY C 255 -1.91 -14.48 -11.78
C GLY C 255 -1.38 -14.86 -10.41
N ASN C 256 -2.10 -14.48 -9.36
CA ASN C 256 -1.64 -14.67 -7.97
C ASN C 256 -0.25 -14.13 -7.73
N VAL C 257 -0.07 -12.86 -8.06
CA VAL C 257 1.17 -12.14 -7.84
C VAL C 257 0.83 -10.95 -6.98
N PRO C 258 1.32 -10.94 -5.72
CA PRO C 258 1.17 -9.75 -4.88
C PRO C 258 1.84 -8.47 -5.45
N LEU C 259 1.17 -7.35 -5.26
CA LEU C 259 1.56 -6.07 -5.84
C LEU C 259 1.32 -4.99 -4.78
N PRO C 260 2.06 -5.08 -3.66
CA PRO C 260 1.90 -4.11 -2.58
C PRO C 260 2.22 -2.64 -2.96
N MET C 261 3.30 -2.40 -3.68
CA MET C 261 3.62 -1.04 -4.10
C MET C 261 2.57 -0.47 -5.02
N THR C 262 2.14 -1.29 -6.00
CA THR C 262 1.11 -0.91 -6.94
C THR C 262 -0.18 -0.59 -6.21
N ALA C 263 -0.53 -1.47 -5.27
CA ALA C 263 -1.74 -1.34 -4.47
C ALA C 263 -1.77 -0.03 -3.69
N MET C 264 -0.63 0.31 -3.09
CA MET C 264 -0.52 1.57 -2.34
CA MET C 264 -0.51 1.57 -2.36
C MET C 264 -0.57 2.79 -3.29
N ALA C 265 0.16 2.74 -4.40
CA ALA C 265 0.09 3.82 -5.42
C ALA C 265 -1.35 4.05 -5.87
N THR C 266 -2.08 2.96 -6.11
CA THR C 266 -3.48 3.07 -6.54
C THR C 266 -4.32 3.88 -5.54
N GLN C 267 -4.14 3.63 -4.25
CA GLN C 267 -4.93 4.31 -3.24
C GLN C 267 -4.52 5.78 -3.06
N ILE C 268 -3.23 6.06 -3.26
CA ILE C 268 -2.74 7.45 -3.24
C ILE C 268 -3.36 8.24 -4.41
N PHE C 269 -3.33 7.68 -5.61
CA PHE C 269 -4.00 8.32 -6.75
C PHE C 269 -5.49 8.43 -6.55
N GLU C 270 -6.11 7.48 -5.85
CA GLU C 270 -7.53 7.58 -5.51
C GLU C 270 -7.80 8.81 -4.64
N GLY C 271 -6.87 9.10 -3.74
CA GLY C 271 -6.92 10.33 -2.95
C GLY C 271 -6.99 11.57 -3.81
N GLY C 272 -6.15 11.63 -4.84
CA GLY C 272 -6.16 12.74 -5.77
C GLY C 272 -7.48 12.85 -6.50
N ARG C 273 -8.01 11.72 -6.91
CA ARG C 273 -9.32 11.69 -7.54
C ARG C 273 -10.42 12.15 -6.59
N ALA C 274 -10.33 11.75 -5.33
CA ALA C 274 -11.25 12.21 -4.29
C ALA C 274 -11.22 13.73 -4.13
N MET C 275 -10.06 14.33 -4.39
CA MET C 275 -9.88 15.78 -4.34
C MET C 275 -10.28 16.50 -5.64
N GLY C 276 -10.81 15.76 -6.61
CA GLY C 276 -11.27 16.36 -7.87
C GLY C 276 -10.17 16.56 -8.90
N LEU C 277 -9.06 15.87 -8.77
CA LEU C 277 -7.88 16.09 -9.61
C LEU C 277 -7.78 15.11 -10.78
N GLY C 278 -8.81 14.30 -11.00
CA GLY C 278 -8.78 13.22 -11.99
C GLY C 278 -8.46 13.62 -13.41
N ARG C 279 -8.86 14.83 -13.79
CA ARG C 279 -8.63 15.32 -15.16
C ARG C 279 -7.28 16.01 -15.32
N GLU C 280 -6.61 16.29 -14.21
CA GLU C 280 -5.28 16.89 -14.27
C GLU C 280 -4.22 15.85 -14.55
N ASP C 281 -3.05 16.29 -15.03
CA ASP C 281 -1.95 15.37 -15.19
C ASP C 281 -1.75 14.62 -13.86
N MET C 282 -1.39 13.35 -13.98
CA MET C 282 -1.18 12.47 -12.84
C MET C 282 -0.23 13.01 -11.75
N SER C 283 0.74 13.83 -12.14
CA SER C 283 1.69 14.41 -11.17
C SER C 283 1.03 15.34 -10.14
N ALA C 284 -0.17 15.83 -10.45
CA ALA C 284 -1.00 16.59 -9.50
C ALA C 284 -1.32 15.80 -8.21
N VAL C 285 -1.10 14.48 -8.24
CA VAL C 285 -1.19 13.65 -7.03
C VAL C 285 -0.36 14.19 -5.88
N ILE C 286 0.71 14.91 -6.17
CA ILE C 286 1.48 15.63 -5.14
C ILE C 286 0.60 16.55 -4.26
N LYS C 287 -0.49 17.09 -4.83
CA LYS C 287 -1.42 17.96 -4.07
C LYS C 287 -2.07 17.24 -2.89
N VAL C 288 -2.17 15.92 -2.98
CA VAL C 288 -2.64 15.12 -1.86
C VAL C 288 -1.81 15.45 -0.63
N TRP C 289 -0.51 15.31 -0.76
CA TRP C 289 0.40 15.59 0.35
C TRP C 289 0.54 17.09 0.68
N GLU C 290 0.45 17.95 -0.33
CA GLU C 290 0.53 19.39 -0.10
C GLU C 290 -0.64 19.86 0.77
N GLN C 291 -1.85 19.49 0.39
CA GLN C 291 -3.03 19.87 1.16
C GLN C 291 -2.99 19.39 2.61
N MET C 292 -2.54 18.17 2.82
CA MET C 292 -2.57 17.56 4.15
C MET C 292 -1.50 18.17 5.08
N THR C 293 -0.36 18.54 4.51
CA THR C 293 0.80 18.99 5.29
C THR C 293 0.94 20.52 5.35
N GLY C 294 0.42 21.22 4.35
CA GLY C 294 0.65 22.66 4.21
C GLY C 294 1.96 22.99 3.51
N VAL C 295 2.71 21.96 3.11
CA VAL C 295 3.97 22.13 2.38
C VAL C 295 3.69 22.43 0.89
N SER C 296 4.31 23.49 0.40
CA SER C 296 4.18 23.89 -0.99
C SER C 296 5.42 23.46 -1.77
N VAL C 297 5.21 22.59 -2.76
CA VAL C 297 6.26 22.19 -3.68
C VAL C 297 6.02 22.91 -5.01
N SER C 298 4.79 22.77 -5.53
CA SER C 298 4.44 23.18 -6.89
C SER C 298 4.77 24.60 -7.33
N GLY C 299 5.24 25.45 -6.41
CA GLY C 299 5.82 26.73 -6.80
C GLY C 299 7.16 26.52 -7.51
N GLY C 300 7.59 27.55 -8.25
CA GLY C 300 8.83 27.51 -9.03
C GLY C 300 9.99 26.86 -8.28
N PHE D 9 9.19 6.40 44.01
CA PHE D 9 8.67 6.95 42.73
C PHE D 9 9.63 7.96 42.12
N ILE D 10 10.36 7.53 41.10
CA ILE D 10 11.10 8.45 40.25
C ILE D 10 10.08 9.04 39.27
N GLY D 11 9.65 10.27 39.55
CA GLY D 11 8.62 10.95 38.77
C GLY D 11 7.25 10.60 39.31
N LEU D 12 6.31 11.53 39.20
CA LEU D 12 4.93 11.33 39.65
C LEU D 12 3.97 12.03 38.70
N GLY D 13 3.82 11.47 37.50
CA GLY D 13 2.99 12.05 36.46
C GLY D 13 1.51 11.81 36.71
N ALA D 14 0.74 11.77 35.63
CA ALA D 14 -0.70 11.53 35.71
C ALA D 14 -1.00 10.13 36.24
N GLN D 55 19.34 10.05 43.48
CA GLN D 55 19.47 8.82 44.26
C GLN D 55 18.85 8.94 45.66
N LYS D 56 18.13 10.03 45.91
CA LYS D 56 17.49 10.28 47.21
C LYS D 56 16.45 9.20 47.46
N VAL D 57 15.58 9.03 46.46
CA VAL D 57 14.54 8.02 46.46
C VAL D 57 15.13 6.62 46.33
N ALA D 58 16.11 6.47 45.43
CA ALA D 58 16.75 5.17 45.15
C ALA D 58 17.32 4.52 46.40
N ALA D 59 18.08 5.28 47.18
CA ALA D 59 18.75 4.77 48.38
C ALA D 59 17.77 4.31 49.45
N ALA D 60 16.63 4.97 49.55
CA ALA D 60 15.66 4.68 50.61
C ALA D 60 14.70 3.53 50.27
N SER D 61 14.51 3.26 48.97
CA SER D 61 13.42 2.38 48.52
C SER D 61 13.84 0.94 48.24
N ASP D 62 12.88 0.03 48.38
CA ASP D 62 13.05 -1.38 48.03
C ASP D 62 12.51 -1.64 46.63
N ILE D 63 11.35 -1.04 46.34
CA ILE D 63 10.73 -1.13 45.03
C ILE D 63 10.53 0.28 44.49
N ILE D 64 11.07 0.53 43.30
CA ILE D 64 11.04 1.86 42.70
C ILE D 64 10.26 1.81 41.39
N PHE D 65 9.28 2.71 41.27
CA PHE D 65 8.46 2.83 40.07
C PHE D 65 8.94 4.01 39.25
N THR D 66 8.99 3.80 37.93
CA THR D 66 9.27 4.88 37.00
C THR D 66 8.54 4.67 35.69
N SER D 67 8.22 5.77 35.02
CA SER D 67 7.67 5.76 33.68
C SER D 67 8.23 6.97 32.94
N LEU D 68 9.21 6.72 32.09
CA LEU D 68 9.91 7.78 31.36
C LEU D 68 9.51 7.79 29.87
N PRO D 69 9.78 8.89 29.16
CA PRO D 69 9.29 9.04 27.78
C PRO D 69 9.91 8.11 26.73
N ASN D 70 11.18 7.74 26.88
CA ASN D 70 11.84 6.85 25.91
C ASN D 70 13.09 6.16 26.47
N ALA D 71 13.64 5.24 25.69
CA ALA D 71 14.78 4.43 26.12
C ALA D 71 16.04 5.27 26.39
N GLY D 72 16.19 6.37 25.65
CA GLY D 72 17.29 7.29 25.87
C GLY D 72 17.26 7.96 27.22
N ILE D 73 16.06 8.33 27.66
CA ILE D 73 15.88 8.98 28.96
C ILE D 73 15.97 7.97 30.11
N VAL D 74 15.51 6.75 29.85
CA VAL D 74 15.70 5.65 30.79
C VAL D 74 17.20 5.47 31.11
N GLU D 75 18.04 5.40 30.09
CA GLU D 75 19.46 5.10 30.29
C GLU D 75 20.26 6.29 30.82
N THR D 76 19.71 7.50 30.64
CA THR D 76 20.24 8.68 31.32
C THR D 76 19.87 8.65 32.80
N VAL D 77 18.59 8.41 33.10
CA VAL D 77 18.12 8.38 34.48
C VAL D 77 18.74 7.23 35.28
N MET D 78 18.71 6.04 34.71
CA MET D 78 19.21 4.84 35.38
C MET D 78 20.73 4.84 35.43
N ASN D 79 21.33 4.79 34.25
CA ASN D 79 22.72 4.43 34.08
C ASN D 79 23.59 5.65 33.90
N THR D 92 17.23 -4.39 45.56
CA THR D 92 16.20 -3.45 45.16
C THR D 92 15.63 -3.84 43.80
N VAL D 93 14.32 -3.67 43.64
CA VAL D 93 13.65 -3.95 42.38
C VAL D 93 13.23 -2.63 41.74
N ILE D 94 13.58 -2.46 40.47
CA ILE D 94 13.13 -1.32 39.68
C ILE D 94 12.02 -1.77 38.74
N VAL D 95 10.88 -1.10 38.82
CA VAL D 95 9.72 -1.42 37.99
C VAL D 95 9.55 -0.33 36.95
N ASP D 96 10.01 -0.61 35.74
CA ASP D 96 9.98 0.35 34.64
C ASP D 96 8.69 0.20 33.87
N MET D 97 7.84 1.22 33.93
CA MET D 97 6.56 1.21 33.22
C MET D 97 6.65 2.00 31.91
N SER D 98 7.86 2.42 31.55
CA SER D 98 8.09 3.21 30.35
C SER D 98 7.69 2.46 29.08
N SER D 99 7.26 3.22 28.08
CA SER D 99 6.86 2.64 26.80
C SER D 99 8.08 2.49 25.89
N VAL D 100 8.77 1.35 26.04
CA VAL D 100 10.06 1.10 25.39
C VAL D 100 10.10 -0.30 24.79
N SER D 101 11.09 -0.54 23.95
CA SER D 101 11.31 -1.87 23.38
C SER D 101 11.79 -2.85 24.45
N PRO D 102 11.48 -4.15 24.26
CA PRO D 102 12.05 -5.21 25.12
C PRO D 102 13.58 -5.15 25.21
N SER D 103 14.25 -4.90 24.10
CA SER D 103 15.73 -4.82 24.09
C SER D 103 16.25 -3.71 24.99
N SER D 104 15.61 -2.55 24.94
CA SER D 104 15.90 -1.44 25.86
C SER D 104 15.91 -1.91 27.33
N THR D 105 14.88 -2.66 27.71
CA THR D 105 14.76 -3.16 29.06
C THR D 105 15.78 -4.25 29.35
N LEU D 106 16.07 -5.07 28.35
CA LEU D 106 17.04 -6.15 28.49
C LEU D 106 18.47 -5.61 28.74
N LYS D 107 18.82 -4.50 28.11
CA LYS D 107 20.10 -3.84 28.34
C LYS D 107 20.18 -3.25 29.74
N MET D 108 19.10 -2.61 30.19
CA MET D 108 19.06 -2.02 31.53
C MET D 108 19.03 -3.07 32.65
N ALA D 109 18.40 -4.22 32.38
CA ALA D 109 18.37 -5.32 33.33
C ALA D 109 19.75 -5.96 33.52
N LYS D 110 20.53 -6.00 32.44
CA LYS D 110 21.89 -6.56 32.49
C LYS D 110 22.85 -5.70 33.30
N VAL D 111 22.78 -4.38 33.12
CA VAL D 111 23.60 -3.46 33.93
C VAL D 111 23.13 -3.48 35.39
N ALA D 112 21.81 -3.55 35.58
CA ALA D 112 21.23 -3.64 36.93
C ALA D 112 21.67 -4.91 37.65
N ALA D 113 21.61 -6.04 36.95
CA ALA D 113 21.94 -7.35 37.51
C ALA D 113 23.37 -7.42 38.04
N GLU D 114 24.29 -6.72 37.34
CA GLU D 114 25.70 -6.69 37.71
C GLU D 114 25.94 -6.09 39.10
N LYS D 115 25.09 -5.16 39.52
CA LYS D 115 25.13 -4.64 40.90
C LYS D 115 23.88 -5.06 41.70
N GLY D 116 23.42 -6.29 41.45
CA GLY D 116 22.46 -6.97 42.31
C GLY D 116 21.07 -6.37 42.36
N ILE D 117 20.75 -5.56 41.34
CA ILE D 117 19.45 -4.89 41.26
C ILE D 117 18.57 -5.61 40.25
N ASP D 118 17.33 -5.89 40.64
CA ASP D 118 16.37 -6.50 39.74
C ASP D 118 15.67 -5.41 38.94
N TYR D 119 15.58 -5.60 37.62
CA TYR D 119 14.97 -4.62 36.73
C TYR D 119 13.84 -5.27 35.93
N VAL D 120 12.60 -4.87 36.19
CA VAL D 120 11.44 -5.45 35.50
C VAL D 120 10.75 -4.41 34.61
N ASP D 121 10.27 -4.87 33.46
CA ASP D 121 9.33 -4.08 32.67
C ASP D 121 7.92 -4.38 33.14
N ALA D 122 7.19 -3.33 33.53
CA ALA D 122 5.82 -3.49 33.96
C ALA D 122 4.92 -2.40 33.36
N PRO D 123 4.86 -2.34 32.03
CA PRO D 123 3.94 -1.38 31.41
C PRO D 123 2.49 -1.65 31.78
N VAL D 124 1.68 -0.59 31.82
CA VAL D 124 0.30 -0.69 32.28
C VAL D 124 -0.68 -0.22 31.20
N SER D 125 -1.94 -0.64 31.35
CA SER D 125 -3.05 -0.06 30.58
C SER D 125 -4.22 0.23 31.52
N GLY D 126 -5.10 1.13 31.09
CA GLY D 126 -6.23 1.59 31.90
C GLY D 126 -6.31 3.09 32.07
N GLY D 127 -5.21 3.78 31.76
CA GLY D 127 -5.17 5.24 31.80
C GLY D 127 -5.18 5.81 33.20
N THR D 128 -5.39 7.12 33.29
CA THR D 128 -5.40 7.83 34.58
C THR D 128 -6.59 7.43 35.43
N LYS D 129 -7.73 7.17 34.80
CA LYS D 129 -8.93 6.73 35.52
C LYS D 129 -8.72 5.37 36.17
N GLY D 130 -8.07 4.46 35.45
CA GLY D 130 -7.67 3.17 36.00
C GLY D 130 -6.61 3.30 37.08
N ALA D 131 -5.73 4.29 36.92
CA ALA D 131 -4.68 4.57 37.91
C ALA D 131 -5.30 5.04 39.22
N GLU D 132 -6.27 5.94 39.11
CA GLU D 132 -7.00 6.46 40.27
C GLU D 132 -7.77 5.35 40.99
N ALA D 133 -8.51 4.55 40.22
CA ALA D 133 -9.33 3.48 40.79
C ALA D 133 -8.53 2.25 41.25
N GLY D 134 -7.24 2.22 40.91
CA GLY D 134 -6.40 1.07 41.25
C GLY D 134 -6.75 -0.18 40.46
N THR D 135 -7.27 0.02 39.25
CA THR D 135 -7.77 -1.08 38.42
C THR D 135 -6.93 -1.27 37.15
N LEU D 136 -5.72 -0.71 37.13
CA LEU D 136 -4.81 -0.85 36.00
C LEU D 136 -4.51 -2.31 35.68
N THR D 137 -4.43 -2.62 34.38
CA THR D 137 -3.89 -3.89 33.95
C THR D 137 -2.38 -3.71 33.83
N ILE D 138 -1.63 -4.61 34.46
CA ILE D 138 -0.16 -4.51 34.52
C ILE D 138 0.47 -5.77 33.95
N MET D 139 1.31 -5.58 32.92
CA MET D 139 1.92 -6.69 32.20
C MET D 139 3.39 -6.76 32.57
N VAL D 140 3.79 -7.84 33.23
CA VAL D 140 5.10 -7.92 33.86
C VAL D 140 6.05 -8.90 33.17
N GLY D 141 7.25 -8.43 32.88
CA GLY D 141 8.34 -9.28 32.40
C GLY D 141 9.39 -9.42 33.50
N ALA D 142 9.53 -10.63 34.04
CA ALA D 142 10.45 -10.87 35.16
C ALA D 142 10.67 -12.35 35.43
N SER D 143 11.59 -12.66 36.33
CA SER D 143 11.72 -14.02 36.85
C SER D 143 10.52 -14.33 37.73
N GLU D 144 10.27 -15.61 37.95
CA GLU D 144 9.17 -16.04 38.83
C GLU D 144 9.37 -15.48 40.23
N ALA D 145 10.59 -15.61 40.75
CA ALA D 145 10.95 -15.13 42.09
C ALA D 145 10.69 -13.63 42.26
N VAL D 146 11.10 -12.86 41.26
CA VAL D 146 10.93 -11.40 41.30
C VAL D 146 9.46 -10.98 41.14
N PHE D 147 8.70 -11.71 40.32
CA PHE D 147 7.27 -11.44 40.18
C PHE D 147 6.55 -11.69 41.51
N GLU D 148 6.81 -12.85 42.11
CA GLU D 148 6.29 -13.20 43.43
C GLU D 148 6.54 -12.10 44.45
N LYS D 149 7.75 -11.53 44.40
CA LYS D 149 8.17 -10.47 45.31
C LYS D 149 7.31 -9.21 45.14
N ILE D 150 7.20 -8.72 43.91
CA ILE D 150 6.56 -7.42 43.67
C ILE D 150 5.04 -7.49 43.52
N GLN D 151 4.51 -8.70 43.31
CA GLN D 151 3.10 -8.90 43.00
C GLN D 151 2.13 -8.25 44.00
N PRO D 152 2.36 -8.43 45.32
CA PRO D 152 1.47 -7.82 46.32
C PRO D 152 1.38 -6.29 46.23
N VAL D 153 2.51 -5.64 45.94
CA VAL D 153 2.53 -4.19 45.72
C VAL D 153 1.83 -3.81 44.41
N LEU D 154 2.10 -4.57 43.36
CA LEU D 154 1.39 -4.41 42.08
C LEU D 154 -0.13 -4.55 42.24
N SER D 155 -0.55 -5.44 43.11
CA SER D 155 -1.97 -5.73 43.33
C SER D 155 -2.74 -4.59 44.02
N VAL D 156 -2.04 -3.68 44.68
CA VAL D 156 -2.69 -2.49 45.25
C VAL D 156 -2.98 -1.46 44.14
N ILE D 157 -2.01 -1.22 43.27
CA ILE D 157 -2.13 -0.20 42.23
C ILE D 157 -2.88 -0.66 40.96
N GLY D 158 -2.94 -1.98 40.75
CA GLY D 158 -3.62 -2.55 39.58
C GLY D 158 -4.60 -3.64 39.95
N LYS D 159 -5.45 -4.02 39.01
CA LYS D 159 -6.34 -5.18 39.18
C LYS D 159 -5.70 -6.39 38.51
N ASP D 160 -5.81 -6.48 37.19
CA ASP D 160 -5.30 -7.64 36.47
C ASP D 160 -3.79 -7.52 36.31
N ILE D 161 -3.07 -8.29 37.12
CA ILE D 161 -1.62 -8.30 37.10
C ILE D 161 -1.16 -9.57 36.39
N TYR D 162 -0.58 -9.39 35.20
CA TYR D 162 -0.13 -10.52 34.39
C TYR D 162 1.37 -10.70 34.50
N HIS D 163 1.79 -11.93 34.79
CA HIS D 163 3.17 -12.34 34.62
C HIS D 163 3.29 -12.93 33.22
N VAL D 164 3.60 -12.06 32.26
CA VAL D 164 3.51 -12.40 30.84
C VAL D 164 4.71 -13.19 30.32
N GLY D 165 5.81 -13.15 31.06
CA GLY D 165 7.03 -13.85 30.66
C GLY D 165 8.23 -13.28 31.41
N ASP D 166 9.42 -13.53 30.86
CA ASP D 166 10.63 -13.00 31.47
C ASP D 166 10.85 -11.56 30.99
N THR D 167 11.96 -10.97 31.41
CA THR D 167 12.29 -9.58 31.12
C THR D 167 12.01 -9.21 29.65
N GLY D 168 11.31 -8.10 29.44
CA GLY D 168 10.98 -7.64 28.09
C GLY D 168 9.70 -8.17 27.43
N ALA D 169 9.38 -9.48 27.58
CA ALA D 169 8.10 -10.05 27.06
C ALA D 169 6.92 -9.15 27.48
N GLY D 170 7.08 -8.50 28.62
CA GLY D 170 6.13 -7.47 29.08
C GLY D 170 6.02 -6.27 28.13
N ASP D 171 7.19 -5.76 27.71
CA ASP D 171 7.26 -4.76 26.64
C ASP D 171 6.61 -5.29 25.37
N ALA D 172 6.96 -6.54 25.02
CA ALA D 172 6.49 -7.18 23.80
C ALA D 172 4.97 -7.22 23.71
N VAL D 173 4.30 -7.65 24.78
CA VAL D 173 2.86 -7.90 24.70
C VAL D 173 2.05 -6.60 24.60
N LYS D 174 2.48 -5.56 25.33
CA LYS D 174 1.87 -4.24 25.23
C LYS D 174 2.07 -3.63 23.83
N ILE D 175 3.26 -3.82 23.25
CA ILE D 175 3.52 -3.41 21.88
C ILE D 175 2.62 -4.13 20.87
N VAL D 176 2.44 -5.43 21.03
CA VAL D 176 1.57 -6.20 20.15
C VAL D 176 0.09 -5.79 20.32
N ASN D 177 -0.35 -5.59 21.56
CA ASN D 177 -1.71 -5.14 21.79
C ASN D 177 -2.01 -3.79 21.13
N ASN D 178 -1.13 -2.81 21.38
CA ASN D 178 -1.35 -1.43 20.93
C ASN D 178 -1.20 -1.24 19.42
N LEU D 179 -0.36 -2.10 18.83
CA LEU D 179 -0.27 -2.25 17.38
C LEU D 179 -1.62 -2.62 16.79
N LEU D 180 -2.29 -3.56 17.42
CA LEU D 180 -3.58 -4.04 16.93
C LEU D 180 -4.65 -2.97 17.12
N LEU D 181 -4.62 -2.28 18.27
CA LEU D 181 -5.54 -1.16 18.49
C LEU D 181 -5.43 -0.11 17.38
N GLY D 182 -4.18 0.29 17.08
CA GLY D 182 -3.90 1.26 16.04
C GLY D 182 -4.31 0.83 14.65
N CYS D 183 -3.99 -0.42 14.29
CA CYS D 183 -4.39 -0.98 12.98
C CYS D 183 -5.89 -1.11 12.85
N ASN D 184 -6.53 -1.55 13.91
CA ASN D 184 -7.98 -1.71 13.90
C ASN D 184 -8.69 -0.37 13.72
N MET D 185 -8.13 0.67 14.34
CA MET D 185 -8.70 2.02 14.22
C MET D 185 -8.47 2.58 12.82
N ALA D 186 -7.26 2.42 12.29
CA ALA D 186 -6.95 2.92 10.97
C ALA D 186 -7.88 2.29 9.93
N SER D 187 -8.15 1.00 10.09
CA SER D 187 -9.01 0.27 9.17
C SER D 187 -10.45 0.74 9.33
N LEU D 188 -10.86 0.92 10.58
CA LEU D 188 -12.18 1.48 10.87
C LEU D 188 -12.41 2.83 10.23
N ALA D 189 -11.41 3.70 10.30
CA ALA D 189 -11.51 5.08 9.76
C ALA D 189 -11.94 5.11 8.30
N GLU D 190 -11.21 4.39 7.45
CA GLU D 190 -11.53 4.35 6.03
C GLU D 190 -12.85 3.59 5.75
N ALA D 191 -13.12 2.56 6.55
CA ALA D 191 -14.34 1.77 6.40
C ALA D 191 -15.59 2.62 6.60
N LEU D 192 -15.56 3.46 7.63
CA LEU D 192 -16.73 4.29 7.97
C LEU D 192 -17.01 5.34 6.89
N VAL D 193 -15.95 5.95 6.39
CA VAL D 193 -16.05 6.93 5.31
C VAL D 193 -16.63 6.28 4.04
N LEU D 194 -16.16 5.08 3.71
CA LEU D 194 -16.72 4.29 2.60
C LEU D 194 -18.22 4.06 2.77
N GLY D 195 -18.60 3.62 3.97
CA GLY D 195 -20.00 3.32 4.28
C GLY D 195 -20.90 4.53 4.13
N VAL D 196 -20.47 5.66 4.69
CA VAL D 196 -21.22 6.89 4.57
C VAL D 196 -21.34 7.34 3.10
N LYS D 197 -20.24 7.23 2.37
CA LYS D 197 -20.25 7.54 0.94
C LYS D 197 -21.26 6.65 0.20
N CYS D 198 -21.37 5.39 0.61
CA CYS D 198 -22.35 4.45 0.01
C CYS D 198 -23.76 4.57 0.61
N GLY D 199 -23.98 5.60 1.42
CA GLY D 199 -25.33 5.93 1.90
C GLY D 199 -25.72 5.31 3.22
N LEU D 200 -24.75 4.85 4.01
CA LEU D 200 -25.03 4.32 5.35
C LEU D 200 -24.92 5.41 6.40
N LYS D 201 -25.86 5.43 7.34
CA LYS D 201 -25.73 6.23 8.54
C LYS D 201 -24.74 5.53 9.46
N PRO D 202 -23.88 6.31 10.14
CA PRO D 202 -22.96 5.77 11.17
C PRO D 202 -23.66 4.90 12.19
N GLU D 203 -24.89 5.30 12.56
CA GLU D 203 -25.71 4.55 13.50
C GLU D 203 -25.99 3.12 13.03
N THR D 204 -26.32 3.00 11.73
CA THR D 204 -26.61 1.71 11.12
C THR D 204 -25.38 0.82 11.07
N MET D 205 -24.24 1.42 10.75
CA MET D 205 -22.98 0.70 10.77
C MET D 205 -22.63 0.25 12.18
N GLN D 206 -22.78 1.13 13.17
CA GLN D 206 -22.51 0.74 14.54
C GLN D 206 -23.37 -0.46 14.97
N GLU D 207 -24.65 -0.43 14.62
CA GLU D 207 -25.59 -1.49 14.97
C GLU D 207 -25.22 -2.81 14.30
N ILE D 208 -25.06 -2.78 12.97
CA ILE D 208 -24.82 -4.01 12.22
C ILE D 208 -23.43 -4.56 12.47
N ILE D 209 -22.40 -3.73 12.33
CA ILE D 209 -21.01 -4.19 12.46
C ILE D 209 -20.69 -4.57 13.90
N GLY D 210 -21.24 -3.81 14.85
CA GLY D 210 -21.08 -4.12 16.27
C GLY D 210 -21.59 -5.51 16.64
N LYS D 211 -22.54 -6.01 15.86
CA LYS D 211 -23.11 -7.36 16.04
C LYS D 211 -22.52 -8.42 15.12
N SER D 212 -21.63 -8.05 14.21
CA SER D 212 -21.12 -8.99 13.21
CA SER D 212 -21.11 -8.98 13.19
C SER D 212 -19.60 -9.12 13.32
N SER D 213 -18.98 -9.74 12.32
CA SER D 213 -17.58 -10.16 12.36
C SER D 213 -16.53 -9.06 12.18
N GLY D 214 -16.96 -7.87 11.75
CA GLY D 214 -16.07 -6.72 11.59
C GLY D 214 -15.73 -6.00 12.89
N ARG D 215 -16.42 -6.37 13.96
CA ARG D 215 -16.32 -5.67 15.24
C ARG D 215 -14.93 -5.78 15.88
N SER D 216 -14.56 -4.74 16.62
CA SER D 216 -13.32 -4.71 17.38
C SER D 216 -13.52 -3.82 18.59
N TYR D 217 -12.65 -3.95 19.58
CA TYR D 217 -12.67 -3.02 20.71
C TYR D 217 -12.49 -1.57 20.25
N ALA D 218 -11.58 -1.36 19.29
CA ALA D 218 -11.39 -0.04 18.67
C ALA D 218 -12.72 0.62 18.30
N MET D 219 -13.56 -0.13 17.58
CA MET D 219 -14.86 0.40 17.20
C MET D 219 -15.77 0.63 18.40
N GLU D 220 -15.83 -0.38 19.26
CA GLU D 220 -16.56 -0.33 20.52
C GLU D 220 -16.23 0.92 21.38
N ALA D 221 -14.95 1.23 21.53
CA ALA D 221 -14.49 2.34 22.38
C ALA D 221 -14.66 3.71 21.73
N LYS D 222 -14.51 3.80 20.41
CA LYS D 222 -14.37 5.12 19.78
C LYS D 222 -15.59 5.60 19.01
N MET D 223 -16.32 4.66 18.45
CA MET D 223 -17.38 4.95 17.50
C MET D 223 -18.41 5.95 18.05
N GLU D 224 -19.05 5.61 19.17
CA GLU D 224 -20.09 6.46 19.74
C GLU D 224 -19.53 7.67 20.47
N LYS D 225 -18.56 7.45 21.35
CA LYS D 225 -18.05 8.50 22.24
C LYS D 225 -17.32 9.61 21.51
N PHE D 226 -16.55 9.28 20.47
CA PHE D 226 -15.68 10.25 19.79
C PHE D 226 -16.10 10.54 18.35
N ILE D 227 -16.24 9.49 17.55
CA ILE D 227 -16.50 9.66 16.13
C ILE D 227 -17.88 10.26 15.89
N MET D 228 -18.93 9.63 16.42
CA MET D 228 -20.29 10.09 16.16
C MET D 228 -20.65 11.39 16.90
N SER D 229 -20.01 11.59 18.04
CA SER D 229 -20.13 12.83 18.77
C SER D 229 -19.40 13.97 18.07
N GLY D 230 -18.29 13.63 17.41
CA GLY D 230 -17.38 14.63 16.84
C GLY D 230 -16.46 15.29 17.87
N ASP D 231 -16.56 14.86 19.12
CA ASP D 231 -15.74 15.40 20.21
C ASP D 231 -14.56 14.48 20.40
N PHE D 232 -13.40 14.93 19.91
CA PHE D 232 -12.19 14.12 19.95
C PHE D 232 -11.24 14.53 21.07
N ALA D 233 -11.73 15.33 22.00
CA ALA D 233 -10.95 15.73 23.17
C ALA D 233 -10.74 14.51 24.06
N GLY D 234 -9.59 14.45 24.69
CA GLY D 234 -9.29 13.40 25.65
C GLY D 234 -9.03 12.08 24.97
N GLY D 235 -9.43 11.00 25.64
CA GLY D 235 -9.22 9.67 25.15
C GLY D 235 -7.74 9.31 25.12
N PHE D 236 -7.32 8.70 24.03
CA PHE D 236 -5.93 8.26 23.90
C PHE D 236 -5.27 9.03 22.76
N ALA D 237 -4.35 9.92 23.12
CA ALA D 237 -3.78 10.87 22.18
C ALA D 237 -3.24 10.21 20.92
N MET D 238 -3.55 10.80 19.76
CA MET D 238 -3.05 10.30 18.47
C MET D 238 -1.50 10.20 18.46
N ASP D 239 -0.82 11.15 19.10
CA ASP D 239 0.63 11.11 19.22
C ASP D 239 1.12 9.86 19.94
N LEU D 240 0.40 9.47 21.01
CA LEU D 240 0.79 8.28 21.78
C LEU D 240 0.53 6.97 21.02
N GLN D 241 -0.59 6.88 20.32
CA GLN D 241 -0.87 5.74 19.45
C GLN D 241 0.15 5.62 18.32
N HIS D 242 0.55 6.75 17.76
CA HIS D 242 1.59 6.80 16.74
C HIS D 242 2.96 6.36 17.31
N LYS D 243 3.27 6.83 18.52
CA LYS D 243 4.48 6.40 19.23
C LYS D 243 4.50 4.87 19.39
N ASP D 244 3.35 4.31 19.78
CA ASP D 244 3.22 2.89 19.96
C ASP D 244 3.42 2.10 18.68
N LEU D 245 2.84 2.59 17.58
CA LEU D 245 3.05 1.96 16.28
C LEU D 245 4.53 1.98 15.88
N GLY D 246 5.22 3.07 16.20
CA GLY D 246 6.66 3.18 15.96
C GLY D 246 7.48 2.17 16.72
N LEU D 247 7.10 1.91 17.97
CA LEU D 247 7.77 0.90 18.79
C LEU D 247 7.59 -0.50 18.20
N ALA D 248 6.39 -0.78 17.66
CA ALA D 248 6.14 -2.03 16.94
C ALA D 248 7.08 -2.17 15.75
N LEU D 249 7.20 -1.11 14.95
CA LEU D 249 8.08 -1.13 13.78
C LEU D 249 9.55 -1.31 14.18
N GLU D 250 9.93 -0.69 15.30
CA GLU D 250 11.27 -0.89 15.84
C GLU D 250 11.50 -2.37 16.19
N ALA D 251 10.52 -2.97 16.86
CA ALA D 251 10.58 -4.40 17.21
C ALA D 251 10.59 -5.29 15.96
N GLY D 252 9.81 -4.93 14.94
CA GLY D 252 9.82 -5.65 13.66
C GLY D 252 11.15 -5.62 12.96
N LYS D 253 11.79 -4.45 12.94
CA LYS D 253 13.13 -4.29 12.37
C LYS D 253 14.18 -5.11 13.14
N GLU D 254 14.13 -5.05 14.46
CA GLU D 254 15.08 -5.77 15.31
C GLU D 254 14.89 -7.27 15.20
N GLY D 255 13.65 -7.73 15.00
CA GLY D 255 13.37 -9.17 14.88
C GLY D 255 13.23 -9.70 13.47
N ASN D 256 13.44 -8.85 12.48
CA ASN D 256 13.22 -9.18 11.07
C ASN D 256 11.84 -9.79 10.81
N VAL D 257 10.80 -9.08 11.27
CA VAL D 257 9.42 -9.45 11.05
C VAL D 257 8.76 -8.31 10.28
N PRO D 258 8.38 -8.57 9.02
CA PRO D 258 7.63 -7.56 8.27
C PRO D 258 6.28 -7.22 8.92
N LEU D 259 5.93 -5.94 8.88
CA LEU D 259 4.73 -5.40 9.53
C LEU D 259 4.06 -4.42 8.56
N PRO D 260 3.61 -4.91 7.40
CA PRO D 260 3.00 -4.03 6.40
C PRO D 260 1.75 -3.28 6.87
N MET D 261 0.84 -3.93 7.59
CA MET D 261 -0.37 -3.26 8.08
C MET D 261 -0.01 -2.19 9.11
N THR D 262 0.90 -2.53 10.03
CA THR D 262 1.37 -1.60 11.05
C THR D 262 2.01 -0.38 10.39
N ALA D 263 2.85 -0.66 9.39
CA ALA D 263 3.56 0.38 8.65
C ALA D 263 2.60 1.36 7.98
N MET D 264 1.52 0.87 7.39
CA MET D 264 0.58 1.77 6.73
CA MET D 264 0.51 1.70 6.71
C MET D 264 -0.27 2.52 7.76
N ALA D 265 -0.70 1.84 8.82
CA ALA D 265 -1.41 2.51 9.91
C ALA D 265 -0.56 3.67 10.43
N THR D 266 0.75 3.45 10.57
CA THR D 266 1.65 4.47 11.07
C THR D 266 1.64 5.72 10.20
N GLN D 267 1.67 5.52 8.90
CA GLN D 267 1.67 6.63 7.97
C GLN D 267 0.33 7.37 7.90
N ILE D 268 -0.77 6.63 8.06
CA ILE D 268 -2.10 7.24 8.12
C ILE D 268 -2.23 8.13 9.36
N PHE D 269 -1.80 7.62 10.53
CA PHE D 269 -1.75 8.45 11.74
C PHE D 269 -0.80 9.63 11.61
N GLU D 270 0.29 9.47 10.86
CA GLU D 270 1.18 10.59 10.59
C GLU D 270 0.46 11.70 9.81
N GLY D 271 -0.42 11.30 8.89
CA GLY D 271 -1.29 12.25 8.20
C GLY D 271 -2.12 13.09 9.17
N GLY D 272 -2.71 12.42 10.16
CA GLY D 272 -3.48 13.11 11.20
C GLY D 272 -2.63 14.09 11.97
N ARG D 273 -1.42 13.67 12.31
CA ARG D 273 -0.48 14.55 12.98
C ARG D 273 -0.08 15.72 12.11
N ALA D 274 0.12 15.47 10.81
CA ALA D 274 0.40 16.54 9.85
C ALA D 274 -0.73 17.59 9.82
N MET D 275 -1.96 17.14 10.07
CA MET D 275 -3.13 18.01 10.12
C MET D 275 -3.34 18.66 11.49
N GLY D 276 -2.40 18.48 12.42
CA GLY D 276 -2.48 19.11 13.75
C GLY D 276 -3.37 18.38 14.74
N LEU D 277 -3.64 17.10 14.49
CA LEU D 277 -4.60 16.34 15.31
C LEU D 277 -3.91 15.51 16.41
N GLY D 278 -2.60 15.71 16.61
CA GLY D 278 -1.81 14.87 17.50
C GLY D 278 -2.24 14.74 18.96
N ARG D 279 -2.87 15.77 19.50
CA ARG D 279 -3.31 15.72 20.90
C ARG D 279 -4.77 15.33 21.06
N GLU D 280 -5.49 15.21 19.95
CA GLU D 280 -6.86 14.67 19.99
C GLU D 280 -6.80 13.16 20.16
N ASP D 281 -7.93 12.57 20.54
CA ASP D 281 -8.01 11.12 20.56
C ASP D 281 -7.62 10.56 19.16
N MET D 282 -6.95 9.39 19.17
CA MET D 282 -6.48 8.71 17.94
C MET D 282 -7.58 8.43 16.87
N SER D 283 -8.82 8.25 17.31
CA SER D 283 -9.92 8.04 16.37
C SER D 283 -10.18 9.25 15.48
N ALA D 284 -9.60 10.41 15.86
CA ALA D 284 -9.60 11.63 15.05
C ALA D 284 -8.90 11.47 13.70
N VAL D 285 -8.14 10.37 13.54
CA VAL D 285 -7.47 10.05 12.30
C VAL D 285 -8.48 9.87 11.15
N ILE D 286 -9.74 9.64 11.50
CA ILE D 286 -10.83 9.63 10.51
C ILE D 286 -10.94 10.96 9.74
N LYS D 287 -10.55 12.07 10.39
CA LYS D 287 -10.51 13.38 9.72
C LYS D 287 -9.62 13.45 8.49
N VAL D 288 -8.55 12.67 8.48
CA VAL D 288 -7.72 12.56 7.28
C VAL D 288 -8.56 12.27 6.04
N TRP D 289 -9.43 11.27 6.13
CA TRP D 289 -10.28 10.86 5.01
C TRP D 289 -11.46 11.78 4.80
N GLU D 290 -11.99 12.32 5.89
CA GLU D 290 -13.09 13.31 5.80
C GLU D 290 -12.66 14.56 5.04
N GLN D 291 -11.50 15.11 5.42
CA GLN D 291 -10.98 16.31 4.78
C GLN D 291 -10.67 16.06 3.31
N MET D 292 -10.11 14.88 3.01
CA MET D 292 -9.70 14.56 1.65
C MET D 292 -10.86 14.27 0.70
N THR D 293 -11.89 13.59 1.20
CA THR D 293 -13.04 13.18 0.40
C THR D 293 -14.24 14.15 0.44
N GLY D 294 -14.32 14.97 1.49
CA GLY D 294 -15.50 15.81 1.71
C GLY D 294 -16.61 15.10 2.46
N VAL D 295 -16.50 13.78 2.61
CA VAL D 295 -17.49 12.98 3.33
C VAL D 295 -17.45 13.28 4.81
N SER D 296 -18.64 13.43 5.40
CA SER D 296 -18.75 13.66 6.82
C SER D 296 -19.32 12.43 7.51
N VAL D 297 -18.59 11.91 8.49
CA VAL D 297 -19.14 10.90 9.39
C VAL D 297 -19.45 11.49 10.76
N SER D 298 -18.57 12.36 11.24
CA SER D 298 -18.46 12.63 12.67
C SER D 298 -19.57 13.55 13.15
N GLY D 299 -20.74 13.45 12.52
CA GLY D 299 -21.98 13.89 13.13
C GLY D 299 -22.89 12.73 13.47
N GLY D 300 -23.96 13.01 14.20
CA GLY D 300 -24.86 11.97 14.70
C GLY D 300 -24.28 11.23 15.89
#